data_6I5B
#
_entry.id   6I5B
#
_cell.length_a   54.855
_cell.length_b   62.969
_cell.length_c   84.210
_cell.angle_alpha   101.54
_cell.angle_beta   99.13
_cell.angle_gamma   98.41
#
_symmetry.space_group_name_H-M   'P 1'
#
loop_
_entity.id
_entity.type
_entity.pdbx_description
1 polymer 'Uncharacterized protein'
2 non-polymer 'MAGNESIUM ION'
3 non-polymer 'CHLORIDE ION'
4 non-polymer (R,R)-2,3-BUTANEDIOL
5 non-polymer 'HEME C'
6 water water
#
_entity_poly.entity_id   1
_entity_poly.type   'polypeptide(L)'
_entity_poly.pdbx_seq_one_letter_code
;EKPADSGPAVAQNTEYVGDEACKTCHSDVHSAWSETSHGNFIKDVTKDPKALPGNFEGNYPKMLNFKAEDIQYVLLGKPG
ALKVQELVGKKGTFGVPADDYPVMWASWDAGKGEWEIEVEAIGEGTPWLSTCAGCHVTGLTVPTDKNPKAAKAFAGFGIT
CEQCHGPGAKHIKNPQGEKMVISYDAENCGQCHSRGDSVAKTPDGKPFGYPYNDEGQYVPGKKLADYYTVVSVEGDKEGK
LFWPTKHAKNSHHLQYPEWLMTGHATALETLKGNGHAQDRCLKCHSAEAYLAKEGTTVTMNDAKLGVTCQVCHASHDPAA
TKEAFLRKPKTEICTQCHNAEGGIVAGKEVHHPHKEMNEGKIGLGFPDSPSVMYKAGVTCVDCHMPKTAGPKASHLMKVV
MPKDGKANGMPDSCSSCHPGASQDYLQNVIDTWQNDIKGRLAKVKAKLDAKKAAANSQAYKEALTYYSIVAADGSNGVHN
YDLAVKLLTAAEQKLQKGELKLEGKPIPDPLLGLDSTRTGHHHHHH
;
_entity_poly.pdbx_strand_id   A,B
#
loop_
_chem_comp.id
_chem_comp.type
_chem_comp.name
_chem_comp.formula
BU3 non-polymer (R,R)-2,3-BUTANEDIOL 'C4 H10 O2'
CL non-polymer 'CHLORIDE ION' 'Cl -1'
HEC non-polymer 'HEME C' 'C34 H34 Fe N4 O4'
MG non-polymer 'MAGNESIUM ION' 'Mg 2'
#
# COMPACT_ATOMS: atom_id res chain seq x y z
N ASN A 13 1.68 -3.70 -52.88
CA ASN A 13 0.49 -3.01 -52.28
C ASN A 13 0.84 -2.05 -51.13
N THR A 14 1.82 -2.44 -50.29
CA THR A 14 2.21 -1.64 -49.10
C THR A 14 3.59 -0.97 -49.25
N GLU A 15 3.70 0.21 -48.66
CA GLU A 15 4.94 1.01 -48.67
C GLU A 15 5.80 0.77 -47.41
N TYR A 16 5.32 -0.08 -46.49
CA TYR A 16 5.97 -0.34 -45.20
C TYR A 16 6.88 -1.56 -45.32
N VAL A 17 8.16 -1.37 -45.00
CA VAL A 17 9.20 -2.42 -45.13
C VAL A 17 9.62 -3.10 -43.81
N GLY A 18 9.14 -2.61 -42.66
CA GLY A 18 9.50 -3.18 -41.36
C GLY A 18 10.90 -2.79 -40.87
N ASP A 19 11.18 -3.11 -39.61
CA ASP A 19 12.39 -2.63 -38.92
C ASP A 19 13.72 -3.25 -39.37
N GLU A 20 13.69 -4.52 -39.80
CA GLU A 20 14.91 -5.23 -40.25
C GLU A 20 15.66 -4.51 -41.37
N ALA A 21 14.91 -3.91 -42.29
CA ALA A 21 15.45 -3.08 -43.38
C ALA A 21 16.36 -1.91 -42.95
N CYS A 22 16.16 -1.40 -41.73
CA CYS A 22 16.90 -0.22 -41.25
C CYS A 22 18.17 -0.55 -40.48
N LYS A 23 18.35 -1.83 -40.09
CA LYS A 23 19.49 -2.25 -39.25
C LYS A 23 20.86 -2.03 -39.90
N THR A 24 20.94 -2.23 -41.21
CA THR A 24 22.22 -2.12 -41.93
C THR A 24 22.78 -0.69 -41.87
N CYS A 25 21.96 0.30 -42.21
CA CYS A 25 22.42 1.71 -42.25
C CYS A 25 22.36 2.44 -40.90
N HIS A 26 21.45 2.03 -40.00
CA HIS A 26 21.24 2.68 -38.69
C HIS A 26 21.42 1.65 -37.59
N SER A 27 22.64 1.16 -37.45
CA SER A 27 22.94 0.01 -36.59
C SER A 27 22.70 0.29 -35.12
N ASP A 28 23.19 1.44 -34.65
CA ASP A 28 23.09 1.79 -33.23
C ASP A 28 21.65 2.10 -32.84
N VAL A 29 20.97 2.91 -33.66
CA VAL A 29 19.57 3.24 -33.43
C VAL A 29 18.71 1.97 -33.34
N HIS A 30 18.90 1.03 -34.28
CA HIS A 30 18.16 -0.24 -34.26
C HIS A 30 18.40 -1.03 -32.98
N SER A 31 19.65 -1.06 -32.50
CA SER A 31 20.00 -1.75 -31.26
C SER A 31 19.33 -1.12 -30.05
N ALA A 32 19.38 0.21 -29.97
CA ALA A 32 18.79 0.97 -28.86
C ALA A 32 17.27 0.85 -28.89
N TRP A 33 16.67 0.99 -30.07
CA TRP A 33 15.24 0.74 -30.27
C TRP A 33 14.83 -0.67 -29.86
N SER A 34 15.66 -1.66 -30.18
CA SER A 34 15.38 -3.08 -29.84
C SER A 34 15.22 -3.34 -28.35
N GLU A 35 15.97 -2.62 -27.52
CA GLU A 35 15.89 -2.77 -26.06
C GLU A 35 14.67 -2.08 -25.44
N THR A 36 14.07 -1.11 -26.14
CA THR A 36 12.88 -0.41 -25.65
C THR A 36 11.67 -1.32 -25.70
N SER A 37 10.72 -1.10 -24.79
CA SER A 37 9.49 -1.88 -24.78
C SER A 37 8.58 -1.62 -26.01
N HIS A 38 8.73 -0.45 -26.63
CA HIS A 38 8.21 -0.21 -27.99
C HIS A 38 8.68 -1.31 -28.94
N GLY A 39 9.99 -1.49 -29.00
CA GLY A 39 10.61 -2.47 -29.88
C GLY A 39 10.32 -3.93 -29.61
N ASN A 40 9.75 -4.25 -28.44
CA ASN A 40 9.37 -5.61 -28.07
C ASN A 40 7.86 -5.77 -27.85
N PHE A 41 7.04 -4.90 -28.45
CA PHE A 41 5.62 -4.82 -28.09
C PHE A 41 4.79 -6.04 -28.53
N ILE A 42 5.09 -6.61 -29.69
CA ILE A 42 4.37 -7.81 -30.20
C ILE A 42 5.32 -8.98 -30.43
N LYS A 43 4.96 -10.16 -29.92
CA LYS A 43 5.70 -11.40 -30.17
C LYS A 43 4.74 -12.45 -30.70
N ASP A 44 5.14 -13.13 -31.77
CA ASP A 44 4.42 -14.30 -32.27
C ASP A 44 4.84 -15.48 -31.41
N VAL A 45 3.91 -16.03 -30.64
CA VAL A 45 4.21 -17.12 -29.72
C VAL A 45 4.15 -18.52 -30.34
N THR A 46 3.61 -18.62 -31.56
CA THR A 46 3.74 -19.87 -32.34
C THR A 46 5.19 -20.01 -32.84
N LYS A 47 5.75 -18.93 -33.39
CA LYS A 47 7.16 -18.90 -33.81
C LYS A 47 8.16 -18.88 -32.64
N ASP A 48 7.75 -18.31 -31.51
CA ASP A 48 8.63 -18.16 -30.34
C ASP A 48 7.85 -18.48 -29.05
N PRO A 49 7.71 -19.79 -28.71
CA PRO A 49 6.96 -20.23 -27.52
C PRO A 49 7.45 -19.70 -26.17
N LYS A 50 8.75 -19.42 -26.06
CA LYS A 50 9.34 -18.87 -24.83
C LYS A 50 8.73 -17.51 -24.45
N ALA A 51 8.38 -16.71 -25.46
CA ALA A 51 7.80 -15.37 -25.27
C ALA A 51 6.39 -15.33 -24.64
N LEU A 52 5.66 -16.45 -24.68
CA LEU A 52 4.33 -16.53 -24.05
C LEU A 52 4.46 -16.49 -22.52
N PRO A 53 3.99 -15.41 -21.86
CA PRO A 53 4.15 -15.33 -20.42
C PRO A 53 2.99 -16.02 -19.69
N GLY A 54 3.12 -16.13 -18.37
CA GLY A 54 2.06 -16.66 -17.51
C GLY A 54 2.06 -18.17 -17.39
N ASN A 55 1.39 -18.65 -16.34
CA ASN A 55 1.38 -20.07 -16.02
C ASN A 55 0.16 -20.79 -16.58
N PHE A 56 0.42 -21.73 -17.49
CA PHE A 56 -0.63 -22.60 -18.07
C PHE A 56 -0.51 -24.04 -17.55
N GLU A 57 0.37 -24.28 -16.58
CA GLU A 57 0.66 -25.64 -16.08
C GLU A 57 -0.44 -26.15 -15.15
N GLY A 58 -0.82 -27.42 -15.32
CA GLY A 58 -1.73 -28.08 -14.40
C GLY A 58 -3.19 -27.70 -14.56
N ASN A 59 -3.77 -27.13 -13.51
CA ASN A 59 -5.19 -26.75 -13.48
C ASN A 59 -5.47 -25.33 -14.03
N TYR A 60 -4.42 -24.54 -14.31
CA TYR A 60 -4.61 -23.17 -14.78
C TYR A 60 -5.59 -23.01 -15.97
N PRO A 61 -5.53 -23.91 -16.99
CA PRO A 61 -6.55 -23.91 -18.06
C PRO A 61 -8.01 -24.05 -17.61
N LYS A 62 -8.26 -24.79 -16.53
CA LYS A 62 -9.61 -24.92 -15.97
C LYS A 62 -10.15 -23.57 -15.44
N MET A 63 -9.26 -22.78 -14.84
CA MET A 63 -9.59 -21.43 -14.36
C MET A 63 -9.69 -20.45 -15.52
N LEU A 64 -8.66 -20.44 -16.38
CA LEU A 64 -8.57 -19.49 -17.49
C LEU A 64 -9.67 -19.68 -18.54
N ASN A 65 -10.09 -20.93 -18.74
CA ASN A 65 -11.00 -21.33 -19.83
C ASN A 65 -10.37 -21.18 -21.23
N PHE A 66 -9.05 -21.28 -21.29
CA PHE A 66 -8.32 -21.45 -22.55
C PHE A 66 -6.94 -22.01 -22.21
N LYS A 67 -6.15 -22.34 -23.24
CA LYS A 67 -4.82 -22.91 -23.02
C LYS A 67 -3.77 -22.28 -23.93
N ALA A 68 -2.51 -22.57 -23.64
CA ALA A 68 -1.34 -22.01 -24.36
C ALA A 68 -1.41 -22.15 -25.88
N GLU A 69 -1.95 -23.27 -26.35
CA GLU A 69 -2.04 -23.57 -27.78
C GLU A 69 -3.01 -22.64 -28.51
N ASP A 70 -3.96 -22.05 -27.78
CA ASP A 70 -4.93 -21.10 -28.36
C ASP A 70 -4.36 -19.72 -28.68
N ILE A 71 -3.15 -19.40 -28.22
CA ILE A 71 -2.60 -18.05 -28.30
C ILE A 71 -1.66 -17.85 -29.50
N GLN A 72 -1.88 -16.76 -30.22
CA GLN A 72 -1.10 -16.39 -31.43
C GLN A 72 -0.05 -15.32 -31.11
N TYR A 73 -0.46 -14.24 -30.43
CA TYR A 73 0.45 -13.15 -30.04
C TYR A 73 0.35 -12.79 -28.55
N VAL A 74 1.40 -12.13 -28.06
CA VAL A 74 1.38 -11.42 -26.77
C VAL A 74 1.61 -9.95 -27.05
N LEU A 75 0.77 -9.10 -26.47
CA LEU A 75 0.94 -7.64 -26.50
C LEU A 75 1.67 -7.20 -25.22
N LEU A 76 2.69 -6.36 -25.40
CA LEU A 76 3.70 -6.02 -24.39
C LEU A 76 4.63 -7.21 -24.15
N GLY A 77 5.49 -7.48 -25.13
CA GLY A 77 6.39 -8.63 -25.09
C GLY A 77 7.54 -8.49 -24.11
N LYS A 78 8.05 -7.27 -23.94
CA LYS A 78 8.99 -6.94 -22.88
C LYS A 78 8.36 -5.90 -21.95
N PRO A 79 8.12 -6.26 -20.65
CA PRO A 79 7.67 -5.23 -19.71
C PRO A 79 8.75 -4.18 -19.41
N GLY A 80 8.34 -2.93 -19.24
CA GLY A 80 9.22 -1.84 -18.77
C GLY A 80 8.56 -1.22 -17.55
N ALA A 81 8.36 0.10 -17.60
CA ALA A 81 7.49 0.81 -16.63
C ALA A 81 6.09 0.19 -16.60
N LEU A 82 5.57 -0.15 -17.78
CA LEU A 82 4.26 -0.82 -17.90
C LEU A 82 4.45 -2.34 -17.89
N LYS A 83 3.55 -3.05 -17.20
CA LYS A 83 3.77 -4.43 -16.75
C LYS A 83 2.68 -5.47 -17.08
N VAL A 84 1.46 -5.04 -17.43
CA VAL A 84 0.37 -5.98 -17.70
C VAL A 84 0.42 -6.45 -19.16
N GLN A 85 0.51 -7.76 -19.37
CA GLN A 85 0.66 -8.36 -20.70
C GLN A 85 -0.65 -9.01 -21.18
N GLU A 86 -1.10 -8.62 -22.37
CA GLU A 86 -2.34 -9.14 -22.97
C GLU A 86 -2.01 -10.20 -24.03
N LEU A 87 -2.98 -11.07 -24.29
CA LEU A 87 -2.83 -12.17 -25.25
C LEU A 87 -3.83 -12.06 -26.38
N VAL A 88 -3.36 -12.28 -27.60
CA VAL A 88 -4.22 -12.34 -28.79
C VAL A 88 -4.28 -13.80 -29.23
N GLY A 89 -5.48 -14.36 -29.29
CA GLY A 89 -5.71 -15.74 -29.69
C GLY A 89 -5.60 -15.94 -31.19
N LYS A 90 -5.72 -17.20 -31.61
CA LYS A 90 -5.58 -17.58 -33.01
C LYS A 90 -6.76 -17.09 -33.84
N LYS A 91 -6.46 -16.83 -35.12
CA LYS A 91 -7.36 -16.13 -36.04
C LYS A 91 -8.75 -16.78 -36.11
N GLY A 92 -9.80 -15.97 -36.02
CA GLY A 92 -11.18 -16.43 -36.09
C GLY A 92 -11.79 -17.02 -34.83
N THR A 93 -10.99 -17.38 -33.83
CA THR A 93 -11.49 -18.12 -32.66
C THR A 93 -12.20 -17.23 -31.63
N PHE A 94 -12.91 -17.88 -30.73
CA PHE A 94 -13.60 -17.23 -29.60
C PHE A 94 -14.55 -16.08 -29.98
N GLY A 95 -15.33 -16.31 -31.03
CA GLY A 95 -16.47 -15.46 -31.37
C GLY A 95 -16.21 -14.27 -32.28
N VAL A 96 -14.95 -14.04 -32.65
CA VAL A 96 -14.60 -12.91 -33.53
C VAL A 96 -14.77 -13.31 -34.99
N PRO A 97 -14.96 -12.32 -35.90
CA PRO A 97 -14.95 -12.57 -37.35
C PRO A 97 -13.72 -13.36 -37.82
N ALA A 98 -13.90 -14.11 -38.91
CA ALA A 98 -12.86 -15.03 -39.41
C ALA A 98 -11.57 -14.33 -39.88
N ASP A 99 -11.65 -13.05 -40.26
CA ASP A 99 -10.48 -12.26 -40.69
C ASP A 99 -9.82 -11.40 -39.58
N ASP A 100 -10.22 -11.62 -38.32
CA ASP A 100 -9.72 -10.89 -37.16
C ASP A 100 -9.29 -11.88 -36.07
N TYR A 101 -8.69 -11.37 -34.99
CA TYR A 101 -8.16 -12.18 -33.89
C TYR A 101 -8.83 -11.79 -32.56
N PRO A 102 -9.01 -12.76 -31.63
CA PRO A 102 -9.56 -12.46 -30.31
C PRO A 102 -8.52 -11.99 -29.30
N VAL A 103 -8.67 -10.75 -28.83
CA VAL A 103 -7.96 -10.30 -27.63
C VAL A 103 -8.61 -11.06 -26.47
N MET A 104 -7.77 -11.74 -25.68
CA MET A 104 -8.26 -12.67 -24.68
C MET A 104 -8.69 -11.94 -23.41
N TRP A 105 -9.37 -12.69 -22.54
CA TRP A 105 -10.04 -12.15 -21.33
C TRP A 105 -9.17 -12.28 -20.07
N ALA A 106 -7.93 -12.78 -20.22
CA ALA A 106 -7.02 -12.91 -19.11
C ALA A 106 -5.69 -12.25 -19.47
N SER A 107 -5.27 -11.31 -18.63
CA SER A 107 -3.98 -10.66 -18.77
C SER A 107 -3.04 -11.10 -17.64
N TRP A 108 -1.74 -11.09 -17.93
CA TRP A 108 -0.72 -11.49 -16.98
C TRP A 108 -0.01 -10.24 -16.45
N ASP A 109 0.02 -10.09 -15.12
CA ASP A 109 0.58 -8.87 -14.49
C ASP A 109 2.13 -8.82 -14.51
N ALA A 110 2.79 -9.92 -14.22
CA ALA A 110 4.26 -10.03 -14.34
C ALA A 110 5.01 -9.23 -13.28
N GLY A 111 4.73 -7.93 -13.13
CA GLY A 111 5.15 -7.16 -11.95
C GLY A 111 4.62 -7.74 -10.64
N LYS A 112 3.34 -8.13 -10.66
CA LYS A 112 2.71 -8.86 -9.56
C LYS A 112 2.93 -10.38 -9.66
N GLY A 113 3.04 -10.88 -10.89
CA GLY A 113 3.29 -12.31 -11.18
C GLY A 113 2.04 -13.16 -10.99
N GLU A 114 0.99 -12.85 -11.75
CA GLU A 114 -0.36 -13.37 -11.47
C GLU A 114 -1.32 -13.09 -12.65
N TRP A 115 -2.30 -13.99 -12.85
CA TRP A 115 -3.37 -13.76 -13.84
C TRP A 115 -4.40 -12.71 -13.36
N GLU A 116 -4.98 -11.99 -14.31
CA GLU A 116 -6.11 -11.07 -14.07
C GLU A 116 -7.17 -11.44 -15.08
N ILE A 117 -8.35 -11.83 -14.62
CA ILE A 117 -9.41 -12.38 -15.46
C ILE A 117 -10.62 -11.46 -15.47
N GLU A 118 -10.99 -10.99 -16.66
CA GLU A 118 -12.27 -10.30 -16.85
C GLU A 118 -13.32 -11.40 -17.04
N VAL A 119 -14.10 -11.66 -15.98
CA VAL A 119 -15.01 -12.81 -15.94
C VAL A 119 -16.16 -12.69 -16.95
N GLU A 120 -16.59 -11.47 -17.20
CA GLU A 120 -17.70 -11.15 -18.11
C GLU A 120 -17.36 -11.50 -19.58
N ALA A 121 -16.07 -11.50 -19.94
CA ALA A 121 -15.62 -11.81 -21.29
C ALA A 121 -15.09 -13.24 -21.47
N ILE A 122 -15.34 -14.14 -20.51
CA ILE A 122 -14.91 -15.53 -20.66
C ILE A 122 -15.67 -16.16 -21.84
N GLY A 123 -14.91 -16.65 -22.81
CA GLY A 123 -15.45 -17.18 -24.06
C GLY A 123 -15.45 -16.19 -25.22
N GLU A 124 -15.64 -14.90 -24.92
CA GLU A 124 -15.83 -13.88 -25.94
C GLU A 124 -14.59 -13.00 -26.07
N GLY A 125 -13.76 -13.30 -27.07
CA GLY A 125 -12.63 -12.46 -27.42
C GLY A 125 -13.07 -11.14 -28.05
N THR A 126 -12.30 -10.09 -27.83
CA THR A 126 -12.54 -8.78 -28.46
C THR A 126 -11.78 -8.75 -29.80
N PRO A 127 -12.43 -8.28 -30.90
CA PRO A 127 -11.70 -8.29 -32.18
C PRO A 127 -10.52 -7.31 -32.17
N TRP A 128 -9.33 -7.84 -32.42
CA TRP A 128 -8.09 -7.09 -32.26
C TRP A 128 -7.93 -5.94 -33.28
N LEU A 129 -8.10 -6.26 -34.56
CA LEU A 129 -7.81 -5.31 -35.64
C LEU A 129 -8.81 -4.17 -35.75
N SER A 130 -10.09 -4.48 -35.58
CA SER A 130 -11.13 -3.47 -35.64
C SER A 130 -11.24 -2.64 -34.35
N THR A 131 -10.78 -3.17 -33.22
CA THR A 131 -10.86 -2.44 -31.93
C THR A 131 -9.53 -1.78 -31.50
N CYS A 132 -8.41 -2.47 -31.68
CA CYS A 132 -7.14 -2.04 -31.08
C CYS A 132 -6.03 -1.67 -32.04
N ALA A 133 -5.87 -2.45 -33.10
CA ALA A 133 -4.56 -2.56 -33.78
C ALA A 133 -4.04 -1.36 -34.55
N GLY A 134 -4.88 -0.34 -34.77
CA GLY A 134 -4.41 0.91 -35.36
C GLY A 134 -3.29 1.59 -34.57
N CYS A 135 -3.27 1.38 -33.26
CA CYS A 135 -2.17 1.83 -32.39
C CYS A 135 -1.03 0.79 -32.28
N HIS A 136 -1.20 -0.41 -32.84
CA HIS A 136 -0.24 -1.53 -32.66
C HIS A 136 0.53 -2.00 -33.90
N VAL A 137 0.01 -1.75 -35.11
CA VAL A 137 0.63 -2.24 -36.37
C VAL A 137 0.70 -1.18 -37.48
N THR A 138 1.57 -1.43 -38.47
CA THR A 138 1.65 -0.59 -39.67
C THR A 138 0.70 -1.08 -40.78
N GLY A 139 0.38 -0.17 -41.70
CA GLY A 139 -0.41 -0.49 -42.90
C GLY A 139 -1.69 -1.25 -42.66
N LEU A 140 -2.49 -0.77 -41.70
CA LEU A 140 -3.72 -1.45 -41.32
C LEU A 140 -4.85 -1.06 -42.27
N THR A 141 -5.50 -2.06 -42.83
CA THR A 141 -6.73 -1.88 -43.60
C THR A 141 -7.85 -2.61 -42.88
N VAL A 142 -8.97 -1.93 -42.71
CA VAL A 142 -10.17 -2.49 -42.11
C VAL A 142 -11.40 -1.94 -42.83
N PRO A 143 -12.52 -2.69 -42.83
CA PRO A 143 -13.74 -2.15 -43.44
C PRO A 143 -14.23 -0.87 -42.75
N THR A 144 -14.60 0.13 -43.56
CA THR A 144 -15.23 1.37 -43.10
C THR A 144 -16.62 1.47 -43.74
N ASP A 145 -17.36 2.54 -43.45
CA ASP A 145 -18.63 2.78 -44.16
C ASP A 145 -18.43 3.27 -45.61
N LYS A 146 -17.24 3.75 -45.94
CA LYS A 146 -16.85 4.03 -47.33
C LYS A 146 -16.47 2.75 -48.08
N ASN A 147 -15.74 1.85 -47.42
CA ASN A 147 -15.33 0.56 -47.99
C ASN A 147 -15.74 -0.61 -47.10
N PRO A 148 -17.05 -0.94 -47.06
CA PRO A 148 -17.47 -2.14 -46.29
C PRO A 148 -16.85 -3.46 -46.75
N LYS A 149 -16.42 -3.51 -48.01
CA LYS A 149 -15.84 -4.73 -48.60
C LYS A 149 -14.42 -5.05 -48.14
N ALA A 150 -13.63 -4.02 -47.82
CA ALA A 150 -12.17 -4.17 -47.62
C ALA A 150 -11.79 -5.32 -46.69
N ALA A 151 -10.75 -6.05 -47.05
CA ALA A 151 -10.27 -7.20 -46.26
C ALA A 151 -9.36 -6.71 -45.14
N LYS A 152 -9.49 -7.32 -43.96
CA LYS A 152 -8.67 -6.94 -42.81
C LYS A 152 -7.26 -7.53 -42.91
N ALA A 153 -6.26 -6.64 -42.94
CA ALA A 153 -4.85 -7.03 -43.01
C ALA A 153 -3.95 -5.92 -42.48
N PHE A 154 -2.69 -6.27 -42.19
CA PHE A 154 -1.68 -5.30 -41.79
C PHE A 154 -0.30 -5.69 -42.33
N ALA A 155 0.62 -4.73 -42.34
CA ALA A 155 1.97 -4.92 -42.89
C ALA A 155 2.98 -5.47 -41.87
N GLY A 156 3.16 -4.77 -40.74
CA GLY A 156 4.19 -5.12 -39.76
C GLY A 156 3.80 -4.87 -38.31
N PHE A 157 4.56 -5.49 -37.40
CA PHE A 157 4.37 -5.33 -35.96
C PHE A 157 4.88 -3.98 -35.47
N GLY A 158 4.13 -3.32 -34.57
CA GLY A 158 4.62 -2.15 -33.84
C GLY A 158 5.28 -2.57 -32.54
N ILE A 159 5.81 -1.63 -31.75
CA ILE A 159 5.85 -0.20 -32.07
C ILE A 159 7.18 0.06 -32.78
N THR A 160 7.10 0.35 -34.08
CA THR A 160 8.25 0.26 -34.98
C THR A 160 8.58 1.59 -35.63
N CYS A 161 9.76 1.64 -36.24
CA CYS A 161 10.32 2.85 -36.81
C CYS A 161 9.37 3.67 -37.67
N GLU A 162 8.63 2.98 -38.53
CA GLU A 162 7.81 3.64 -39.54
C GLU A 162 6.56 4.28 -38.96
N GLN A 163 6.14 3.84 -37.77
CA GLN A 163 5.05 4.51 -37.06
C GLN A 163 5.41 5.92 -36.59
N CYS A 164 6.68 6.17 -36.27
CA CYS A 164 7.16 7.53 -35.87
C CYS A 164 7.84 8.31 -37.00
N HIS A 165 8.34 7.60 -38.01
CA HIS A 165 9.07 8.21 -39.14
C HIS A 165 8.43 8.08 -40.53
N GLY A 166 7.27 7.41 -40.62
CA GLY A 166 6.58 7.23 -41.89
C GLY A 166 7.10 6.03 -42.64
N PRO A 167 6.42 5.63 -43.73
CA PRO A 167 6.80 4.43 -44.52
C PRO A 167 8.21 4.54 -45.11
N GLY A 168 8.90 3.41 -45.19
CA GLY A 168 10.33 3.37 -45.54
C GLY A 168 10.71 2.93 -46.96
N ALA A 169 9.75 2.40 -47.74
CA ALA A 169 10.01 1.84 -49.09
C ALA A 169 10.87 2.73 -49.98
N LYS A 170 10.40 3.95 -50.22
CA LYS A 170 11.11 4.92 -51.05
C LYS A 170 12.48 5.30 -50.47
N HIS A 171 12.56 5.39 -49.13
CA HIS A 171 13.80 5.81 -48.45
C HIS A 171 14.92 4.75 -48.52
N ILE A 172 14.57 3.47 -48.36
CA ILE A 172 15.60 2.41 -48.45
C ILE A 172 16.23 2.32 -49.85
N LYS A 173 15.44 2.64 -50.89
CA LYS A 173 15.94 2.74 -52.27
C LYS A 173 16.88 3.91 -52.46
N ASN A 174 16.47 5.09 -51.98
CA ASN A 174 17.19 6.34 -52.20
C ASN A 174 17.19 7.18 -50.90
N PRO A 175 18.11 6.86 -49.96
CA PRO A 175 18.15 7.52 -48.65
C PRO A 175 18.30 9.05 -48.66
N GLN A 176 19.21 9.56 -49.48
CA GLN A 176 19.47 11.01 -49.56
C GLN A 176 18.35 11.74 -50.30
N GLY A 177 17.70 11.06 -51.23
CA GLY A 177 16.67 11.66 -52.08
C GLY A 177 15.27 11.57 -51.54
N GLU A 178 14.95 10.48 -50.82
CA GLU A 178 13.63 10.29 -50.21
C GLU A 178 13.75 10.35 -48.68
N LYS A 179 13.41 11.51 -48.12
CA LYS A 179 13.60 11.80 -46.70
C LYS A 179 12.53 11.14 -45.85
N MET A 180 12.93 10.68 -44.66
CA MET A 180 12.01 10.25 -43.61
C MET A 180 11.70 11.43 -42.70
N VAL A 181 10.62 11.30 -41.94
CA VAL A 181 10.16 12.34 -41.00
C VAL A 181 10.80 12.15 -39.61
N ILE A 182 11.49 13.18 -39.14
CA ILE A 182 11.77 13.35 -37.71
C ILE A 182 10.82 14.44 -37.20
N SER A 183 9.97 14.08 -36.24
CA SER A 183 9.07 15.04 -35.62
C SER A 183 9.40 15.20 -34.14
N TYR A 184 9.59 16.44 -33.71
CA TYR A 184 9.56 16.80 -32.30
C TYR A 184 8.15 17.19 -31.82
N ASP A 185 7.15 17.10 -32.70
CA ASP A 185 5.77 17.46 -32.37
C ASP A 185 5.17 16.41 -31.43
N ALA A 186 4.43 16.85 -30.42
CA ALA A 186 3.77 15.92 -29.49
C ALA A 186 2.81 14.93 -30.19
N GLU A 187 2.21 15.37 -31.29
CA GLU A 187 1.35 14.52 -32.14
C GLU A 187 2.03 13.22 -32.61
N ASN A 188 3.34 13.26 -32.81
CA ASN A 188 4.12 12.06 -33.18
C ASN A 188 3.91 10.93 -32.15
N CYS A 189 3.76 11.31 -30.88
CA CYS A 189 3.43 10.38 -29.79
C CYS A 189 1.94 10.32 -29.49
N GLY A 190 1.27 11.47 -29.62
CA GLY A 190 -0.18 11.56 -29.41
C GLY A 190 -1.05 10.67 -30.28
N GLN A 191 -0.58 10.32 -31.47
CA GLN A 191 -1.28 9.35 -32.34
C GLN A 191 -1.62 8.02 -31.67
N CYS A 192 -0.80 7.60 -30.70
CA CYS A 192 -1.11 6.42 -29.90
C CYS A 192 -1.43 6.78 -28.44
N HIS A 193 -0.75 7.76 -27.87
CA HIS A 193 -0.86 8.06 -26.44
C HIS A 193 -2.01 9.01 -26.11
N SER A 194 -3.20 8.60 -26.56
CA SER A 194 -4.42 9.36 -26.41
C SER A 194 -5.60 8.40 -26.45
N ARG A 195 -6.77 8.97 -26.20
CA ARG A 195 -8.03 8.35 -26.53
C ARG A 195 -8.79 9.35 -27.37
N GLY A 196 -9.72 8.83 -28.16
CA GLY A 196 -10.47 9.67 -29.08
C GLY A 196 -11.19 8.87 -30.13
N ASP A 197 -11.87 9.59 -31.01
CA ASP A 197 -12.63 9.01 -32.12
C ASP A 197 -11.92 9.27 -33.44
N SER A 198 -11.96 8.27 -34.32
CA SER A 198 -11.51 8.44 -35.70
C SER A 198 -12.47 9.35 -36.50
N VAL A 199 -11.96 9.97 -37.56
CA VAL A 199 -12.82 10.66 -38.52
C VAL A 199 -13.55 9.61 -39.36
N ALA A 200 -12.86 8.51 -39.69
CA ALA A 200 -13.48 7.36 -40.34
C ALA A 200 -14.47 6.70 -39.41
N LYS A 201 -15.36 5.88 -39.95
CA LYS A 201 -16.34 5.14 -39.16
C LYS A 201 -16.38 3.69 -39.60
N THR A 202 -16.94 2.84 -38.75
CA THR A 202 -17.06 1.41 -39.00
C THR A 202 -18.19 1.20 -40.02
N PRO A 203 -18.35 -0.03 -40.55
CA PRO A 203 -19.55 -0.33 -41.36
C PRO A 203 -20.88 0.04 -40.67
N ASP A 204 -20.91 -0.10 -39.35
CA ASP A 204 -22.09 0.23 -38.53
C ASP A 204 -22.24 1.73 -38.19
N GLY A 205 -21.30 2.58 -38.64
CA GLY A 205 -21.36 4.02 -38.39
C GLY A 205 -20.84 4.52 -37.04
N LYS A 206 -20.09 3.69 -36.32
CA LYS A 206 -19.42 4.09 -35.07
C LYS A 206 -17.97 4.47 -35.36
N PRO A 207 -17.36 5.36 -34.54
CA PRO A 207 -15.94 5.64 -34.74
C PRO A 207 -15.03 4.52 -34.22
N PHE A 208 -13.83 4.43 -34.78
CA PHE A 208 -12.77 3.57 -34.26
C PHE A 208 -12.12 4.28 -33.07
N GLY A 209 -11.48 3.50 -32.20
CA GLY A 209 -10.75 4.03 -31.05
C GLY A 209 -9.34 4.52 -31.36
N TYR A 210 -8.88 4.29 -32.59
CA TYR A 210 -7.56 4.69 -33.06
C TYR A 210 -7.67 5.67 -34.24
N PRO A 211 -6.58 6.42 -34.54
CA PRO A 211 -6.63 7.34 -35.69
C PRO A 211 -6.87 6.61 -37.00
N TYR A 212 -7.83 7.10 -37.79
CA TYR A 212 -8.19 6.49 -39.07
C TYR A 212 -9.06 7.44 -39.87
N ASN A 213 -8.66 7.73 -41.12
CA ASN A 213 -9.53 8.48 -42.06
C ASN A 213 -9.68 7.72 -43.40
N ASP A 214 -10.22 8.41 -44.43
CA ASP A 214 -10.27 7.89 -45.81
C ASP A 214 -9.01 7.16 -46.25
N GLU A 215 -7.85 7.77 -45.99
CA GLU A 215 -6.56 7.24 -46.39
C GLU A 215 -5.97 6.17 -45.45
N GLY A 216 -6.67 5.85 -44.35
CA GLY A 216 -6.19 4.87 -43.38
C GLY A 216 -5.58 5.54 -42.14
N GLN A 217 -4.50 4.96 -41.64
CA GLN A 217 -3.89 5.40 -40.37
C GLN A 217 -3.22 6.76 -40.42
N TYR A 218 -2.92 7.30 -39.24
CA TYR A 218 -2.12 8.52 -39.12
C TYR A 218 -0.71 8.24 -39.64
N VAL A 219 -0.17 9.20 -40.39
CA VAL A 219 1.18 9.13 -40.93
C VAL A 219 1.95 10.29 -40.34
N PRO A 220 3.17 10.04 -39.83
CA PRO A 220 3.98 11.15 -39.32
C PRO A 220 4.20 12.23 -40.36
N GLY A 221 4.11 13.48 -39.92
CA GLY A 221 4.21 14.63 -40.82
C GLY A 221 2.87 15.25 -41.15
N LYS A 222 1.79 14.50 -40.97
CA LYS A 222 0.44 15.01 -41.20
C LYS A 222 -0.14 15.58 -39.91
N LYS A 223 -1.31 16.21 -40.00
CA LYS A 223 -1.98 16.78 -38.84
C LYS A 223 -2.93 15.74 -38.22
N LEU A 224 -2.73 15.44 -36.93
CA LEU A 224 -3.49 14.39 -36.23
C LEU A 224 -5.01 14.59 -36.31
N ALA A 225 -5.45 15.84 -36.22
CA ALA A 225 -6.88 16.19 -36.26
C ALA A 225 -7.62 15.72 -37.53
N ASP A 226 -6.89 15.55 -38.63
CA ASP A 226 -7.42 14.99 -39.87
C ASP A 226 -7.76 13.50 -39.78
N TYR A 227 -7.23 12.81 -38.77
CA TYR A 227 -7.48 11.38 -38.53
C TYR A 227 -8.21 11.04 -37.23
N TYR A 228 -8.19 11.95 -36.25
CA TYR A 228 -8.50 11.62 -34.85
C TYR A 228 -8.95 12.85 -34.07
N THR A 229 -10.09 12.77 -33.41
CA THR A 229 -10.54 13.82 -32.49
C THR A 229 -10.24 13.32 -31.08
N VAL A 230 -9.22 13.88 -30.44
CA VAL A 230 -8.80 13.42 -29.11
C VAL A 230 -9.81 13.83 -28.04
N VAL A 231 -9.96 12.98 -27.01
CA VAL A 231 -10.82 13.29 -25.86
C VAL A 231 -10.28 14.50 -25.12
N SER A 232 -11.14 15.14 -24.35
CA SER A 232 -10.80 16.34 -23.62
C SER A 232 -11.64 16.40 -22.36
N VAL A 233 -11.28 17.30 -21.44
CA VAL A 233 -12.09 17.54 -20.25
C VAL A 233 -13.50 18.03 -20.66
N GLU A 234 -13.55 18.96 -21.61
CA GLU A 234 -14.82 19.50 -22.10
C GLU A 234 -15.70 18.42 -22.78
N GLY A 235 -15.09 17.59 -23.62
CA GLY A 235 -15.81 16.49 -24.29
C GLY A 235 -16.25 15.34 -23.38
N ASP A 236 -15.58 15.21 -22.23
CA ASP A 236 -15.87 14.16 -21.26
C ASP A 236 -16.93 14.65 -20.27
N LYS A 237 -18.17 14.75 -20.77
CA LYS A 237 -19.29 15.36 -20.00
C LYS A 237 -19.54 14.63 -18.68
N GLU A 238 -19.43 13.30 -18.72
CA GLU A 238 -19.80 12.44 -17.60
C GLU A 238 -18.64 12.07 -16.66
N GLY A 239 -17.47 12.71 -16.82
CA GLY A 239 -16.33 12.48 -15.92
C GLY A 239 -15.88 11.02 -15.85
N LYS A 240 -15.80 10.36 -17.00
CA LYS A 240 -15.36 8.96 -17.08
C LYS A 240 -13.85 8.86 -17.35
N LEU A 241 -13.30 9.90 -17.95
CA LEU A 241 -11.90 9.92 -18.41
C LEU A 241 -11.00 10.83 -17.57
N PHE A 242 -11.52 11.97 -17.13
CA PHE A 242 -10.79 12.88 -16.26
C PHE A 242 -11.52 13.10 -14.94
N TRP A 243 -10.75 13.27 -13.86
CA TRP A 243 -11.28 13.67 -12.56
C TRP A 243 -11.66 15.16 -12.68
N PRO A 244 -12.45 15.68 -11.71
CA PRO A 244 -12.77 17.13 -11.74
C PRO A 244 -11.56 18.08 -11.67
N THR A 245 -10.45 17.61 -11.09
CA THR A 245 -9.17 18.35 -11.10
C THR A 245 -8.52 18.44 -12.49
N LYS A 246 -8.98 17.60 -13.42
CA LYS A 246 -8.56 17.51 -14.83
C LYS A 246 -7.46 16.45 -15.06
N HIS A 247 -6.97 15.82 -13.99
CA HIS A 247 -6.03 14.70 -14.10
C HIS A 247 -6.74 13.49 -14.71
N ALA A 248 -5.98 12.65 -15.41
CA ALA A 248 -6.52 11.44 -16.02
C ALA A 248 -7.06 10.49 -14.96
N LYS A 249 -8.25 9.95 -15.22
CA LYS A 249 -8.92 8.95 -14.40
C LYS A 249 -8.74 7.57 -15.02
N ASN A 250 -9.04 7.47 -16.31
CA ASN A 250 -8.88 6.23 -17.07
C ASN A 250 -7.39 5.90 -17.24
N SER A 251 -6.98 4.74 -16.72
CA SER A 251 -5.59 4.26 -16.83
C SER A 251 -5.03 4.27 -18.27
N HIS A 252 -5.91 3.97 -19.23
CA HIS A 252 -5.49 3.78 -20.62
C HIS A 252 -5.06 5.07 -21.33
N HIS A 253 -3.74 5.28 -21.39
CA HIS A 253 -3.07 6.21 -22.31
C HIS A 253 -3.74 7.57 -22.57
N LEU A 254 -3.58 8.51 -21.62
CA LEU A 254 -4.11 9.87 -21.77
C LEU A 254 -3.02 10.94 -21.59
N GLN A 255 -1.78 10.59 -21.92
CA GLN A 255 -0.66 11.51 -21.69
C GLN A 255 -0.74 12.75 -22.56
N TYR A 256 -1.18 12.58 -23.80
CA TYR A 256 -1.26 13.69 -24.76
C TYR A 256 -2.40 14.68 -24.41
N PRO A 257 -3.63 14.17 -24.18
CA PRO A 257 -4.69 15.08 -23.72
C PRO A 257 -4.36 15.83 -22.44
N GLU A 258 -3.67 15.16 -21.51
CA GLU A 258 -3.16 15.81 -20.32
C GLU A 258 -2.13 16.87 -20.67
N TRP A 259 -1.13 16.47 -21.46
CA TRP A 259 -0.03 17.36 -21.89
C TRP A 259 -0.53 18.65 -22.55
N LEU A 260 -1.57 18.56 -23.38
CA LEU A 260 -2.16 19.76 -24.01
C LEU A 260 -2.66 20.80 -23.02
N MET A 261 -3.07 20.39 -21.83
CA MET A 261 -3.54 21.32 -20.79
C MET A 261 -2.41 21.98 -19.98
N THR A 262 -1.14 21.63 -20.24
CA THR A 262 -0.03 22.13 -19.43
C THR A 262 0.71 23.28 -20.09
N GLY A 263 1.40 24.07 -19.27
CA GLY A 263 2.26 25.14 -19.73
C GLY A 263 3.39 24.68 -20.64
N HIS A 264 3.87 23.45 -20.44
CA HIS A 264 4.85 22.85 -21.34
C HIS A 264 4.44 22.92 -22.81
N ALA A 265 3.16 22.66 -23.08
CA ALA A 265 2.60 22.74 -24.44
C ALA A 265 2.60 24.16 -25.01
N THR A 266 2.45 25.17 -24.15
CA THR A 266 2.48 26.57 -24.54
C THR A 266 3.81 27.29 -24.23
N ALA A 267 4.87 26.53 -23.95
CA ALA A 267 6.11 27.12 -23.42
C ALA A 267 6.76 28.12 -24.39
N LEU A 268 6.72 27.79 -25.67
CA LEU A 268 7.29 28.67 -26.70
C LEU A 268 6.42 29.91 -26.94
N GLU A 269 5.10 29.75 -26.97
CA GLU A 269 4.18 30.88 -27.14
C GLU A 269 4.34 31.92 -26.02
N THR A 270 4.43 31.44 -24.79
CA THR A 270 4.70 32.29 -23.63
C THR A 270 5.97 33.13 -23.80
N LEU A 271 7.01 32.51 -24.35
CA LEU A 271 8.26 33.19 -24.63
C LEU A 271 8.09 34.29 -25.70
N LYS A 272 7.37 33.96 -26.77
CA LYS A 272 7.11 34.92 -27.88
C LYS A 272 6.32 36.14 -27.42
N GLY A 273 5.31 35.93 -26.58
CA GLY A 273 4.51 37.03 -26.01
C GLY A 273 5.26 38.01 -25.13
N ASN A 274 6.40 37.59 -24.57
CA ASN A 274 7.23 38.42 -23.70
C ASN A 274 8.20 39.32 -24.51
N GLY A 275 8.44 40.53 -23.99
CA GLY A 275 9.29 41.52 -24.66
C GLY A 275 10.77 41.21 -24.68
N HIS A 276 11.28 40.61 -23.60
CA HIS A 276 12.73 40.34 -23.43
C HIS A 276 13.20 39.00 -24.03
N ALA A 277 12.44 38.42 -24.96
CA ALA A 277 12.75 37.09 -25.52
C ALA A 277 14.01 37.08 -26.39
N GLN A 278 14.88 36.11 -26.16
CA GLN A 278 16.15 35.96 -26.89
C GLN A 278 16.43 34.49 -27.16
N ASP A 279 17.50 34.21 -27.90
CA ASP A 279 17.87 32.83 -28.26
C ASP A 279 18.42 32.01 -27.08
N ARG A 280 18.93 32.68 -26.06
CA ARG A 280 19.37 32.04 -24.80
C ARG A 280 18.24 31.25 -24.15
N CYS A 281 17.05 31.87 -24.18
CA CYS A 281 15.85 31.36 -23.53
C CYS A 281 15.31 30.04 -24.09
N LEU A 282 15.57 29.76 -25.37
CA LEU A 282 14.91 28.64 -26.06
C LEU A 282 15.23 27.25 -25.52
N LYS A 283 16.35 27.09 -24.83
CA LYS A 283 16.75 25.78 -24.30
C LYS A 283 15.71 25.17 -23.36
N CYS A 284 15.07 26.02 -22.56
CA CYS A 284 14.04 25.58 -21.60
C CYS A 284 12.61 25.73 -22.14
N HIS A 285 12.42 26.48 -23.22
CA HIS A 285 11.09 26.79 -23.74
C HIS A 285 10.71 26.10 -25.05
N SER A 286 11.67 25.47 -25.73
CA SER A 286 11.40 24.85 -27.05
C SER A 286 12.14 23.54 -27.28
N ALA A 287 11.43 22.57 -27.86
CA ALA A 287 12.01 21.27 -28.17
C ALA A 287 13.18 21.33 -29.15
N GLU A 288 13.04 22.17 -30.19
CA GLU A 288 14.04 22.27 -31.26
C GLU A 288 15.37 22.72 -30.69
N ALA A 289 15.31 23.73 -29.83
CA ALA A 289 16.49 24.24 -29.13
C ALA A 289 17.01 23.22 -28.13
N TYR A 290 16.13 22.67 -27.31
CA TYR A 290 16.54 21.68 -26.32
C TYR A 290 17.27 20.50 -26.98
N LEU A 291 16.72 20.02 -28.10
CA LEU A 291 17.25 18.85 -28.79
C LEU A 291 18.25 19.15 -29.91
N ALA A 292 18.64 20.42 -30.07
CA ALA A 292 19.60 20.84 -31.09
C ALA A 292 20.95 20.15 -30.92
N LYS A 293 21.40 19.45 -31.97
CA LYS A 293 22.66 18.68 -31.90
C LYS A 293 23.87 19.58 -31.87
N GLU A 294 25.02 18.99 -31.48
CA GLU A 294 26.27 19.72 -31.25
C GLU A 294 26.69 20.50 -32.50
N GLY A 295 26.55 21.81 -32.40
CA GLY A 295 26.89 22.73 -33.50
C GLY A 295 25.72 23.61 -33.85
N THR A 296 24.54 23.02 -34.03
CA THR A 296 23.36 23.72 -34.57
C THR A 296 22.92 24.92 -33.70
N THR A 297 22.44 25.97 -34.37
CA THR A 297 21.82 27.12 -33.72
C THR A 297 20.32 27.02 -33.95
N VAL A 298 19.54 27.39 -32.93
CA VAL A 298 18.10 27.58 -33.08
C VAL A 298 17.77 29.00 -32.62
N THR A 299 16.96 29.68 -33.43
CA THR A 299 16.64 31.09 -33.25
C THR A 299 15.15 31.20 -33.03
N MET A 300 14.72 32.30 -32.41
CA MET A 300 13.29 32.60 -32.23
C MET A 300 12.44 32.41 -33.50
N ASN A 301 13.05 32.67 -34.67
CA ASN A 301 12.41 32.50 -35.99
C ASN A 301 12.24 31.04 -36.43
N ASP A 302 13.18 30.18 -36.09
CA ASP A 302 13.13 28.74 -36.45
C ASP A 302 12.20 27.91 -35.54
N ALA A 303 12.21 28.20 -34.23
CA ALA A 303 11.51 27.38 -33.23
C ALA A 303 9.98 27.52 -33.32
N LYS A 304 9.30 26.36 -33.34
CA LYS A 304 7.83 26.27 -33.43
C LYS A 304 7.15 25.57 -32.24
N LEU A 305 7.87 24.74 -31.50
CA LEU A 305 7.28 23.80 -30.53
C LEU A 305 7.70 24.11 -29.11
N GLY A 306 6.82 23.79 -28.15
CA GLY A 306 7.11 23.96 -26.72
C GLY A 306 7.84 22.75 -26.15
N VAL A 307 7.59 22.44 -24.88
CA VAL A 307 8.26 21.31 -24.20
C VAL A 307 7.46 20.03 -24.43
N THR A 308 7.76 19.35 -25.53
CA THR A 308 7.02 18.19 -25.98
C THR A 308 7.53 16.91 -25.34
N CYS A 309 6.81 15.80 -25.60
CA CYS A 309 7.20 14.47 -25.14
C CYS A 309 8.66 14.15 -25.40
N GLN A 310 9.15 14.58 -26.55
CA GLN A 310 10.49 14.24 -27.04
C GLN A 310 11.60 14.93 -26.23
N VAL A 311 11.28 16.04 -25.56
CA VAL A 311 12.23 16.69 -24.63
C VAL A 311 12.56 15.78 -23.44
N CYS A 312 11.55 15.15 -22.86
CA CYS A 312 11.72 14.34 -21.66
C CYS A 312 11.99 12.86 -22.01
N HIS A 313 11.43 12.38 -23.11
CA HIS A 313 11.55 10.98 -23.52
C HIS A 313 12.36 10.80 -24.79
N ALA A 314 13.28 9.81 -24.74
CA ALA A 314 14.15 9.45 -25.86
C ALA A 314 13.66 8.16 -26.47
N SER A 315 13.35 8.19 -27.76
CA SER A 315 12.81 7.01 -28.44
C SER A 315 13.80 5.86 -28.63
N HIS A 316 15.10 6.17 -28.69
CA HIS A 316 16.13 5.11 -28.81
C HIS A 316 17.51 5.68 -28.52
N ASP A 317 17.89 5.59 -27.26
CA ASP A 317 19.13 6.17 -26.78
C ASP A 317 19.57 5.30 -25.62
N PRO A 318 20.77 4.69 -25.70
CA PRO A 318 21.23 3.83 -24.59
C PRO A 318 21.48 4.59 -23.27
N ALA A 319 21.72 5.89 -23.32
CA ALA A 319 21.85 6.73 -22.13
C ALA A 319 20.52 7.03 -21.38
N ALA A 320 19.37 6.78 -22.01
CA ALA A 320 18.09 6.98 -21.34
C ALA A 320 17.86 5.93 -20.27
N THR A 321 16.95 6.22 -19.32
CA THR A 321 16.55 5.23 -18.30
C THR A 321 15.80 4.10 -18.96
N LYS A 322 15.89 2.90 -18.39
CA LYS A 322 15.28 1.71 -19.03
C LYS A 322 13.77 1.80 -18.99
N GLU A 323 13.24 2.19 -17.83
CA GLU A 323 11.82 2.44 -17.66
C GLU A 323 11.47 3.88 -18.08
N ALA A 324 10.48 4.00 -18.96
CA ALA A 324 9.95 5.28 -19.44
C ALA A 324 10.89 6.11 -20.35
N PHE A 325 12.01 5.51 -20.78
CA PHE A 325 13.04 6.19 -21.61
C PHE A 325 13.31 7.66 -21.27
N LEU A 326 13.53 7.97 -20.00
CA LEU A 326 13.77 9.37 -19.64
C LEU A 326 15.17 9.74 -20.10
N ARG A 327 15.31 10.93 -20.67
CA ARG A 327 16.61 11.48 -21.07
C ARG A 327 17.53 11.77 -19.93
N LYS A 328 16.96 12.11 -18.78
CA LYS A 328 17.71 12.33 -17.54
C LYS A 328 17.06 11.51 -16.45
N PRO A 329 17.79 11.23 -15.35
CA PRO A 329 17.19 10.56 -14.19
C PRO A 329 15.99 11.34 -13.64
N LYS A 330 15.03 10.63 -13.02
CA LYS A 330 13.87 11.29 -12.39
C LYS A 330 14.24 12.47 -11.47
N THR A 331 15.39 12.39 -10.81
CA THR A 331 15.87 13.47 -9.93
C THR A 331 16.24 14.76 -10.67
N GLU A 332 16.61 14.65 -11.95
CA GLU A 332 17.04 15.82 -12.76
C GLU A 332 16.08 16.25 -13.88
N ILE A 333 15.11 15.42 -14.19
CA ILE A 333 14.26 15.59 -15.36
C ILE A 333 13.47 16.92 -15.32
N CYS A 334 13.15 17.40 -14.11
CA CYS A 334 12.46 18.67 -13.89
C CYS A 334 13.40 19.81 -13.54
N THR A 335 14.34 19.54 -12.63
CA THR A 335 15.29 20.58 -12.20
C THR A 335 16.18 21.13 -13.31
N GLN A 336 16.42 20.35 -14.39
CA GLN A 336 17.18 20.84 -15.54
C GLN A 336 16.67 22.20 -16.07
N CYS A 337 15.35 22.39 -16.05
CA CYS A 337 14.74 23.65 -16.47
C CYS A 337 14.24 24.47 -15.28
N HIS A 338 13.76 23.81 -14.23
CA HIS A 338 13.16 24.51 -13.08
C HIS A 338 14.22 24.88 -12.04
N ASN A 339 15.07 25.81 -12.44
CA ASN A 339 16.15 26.34 -11.62
C ASN A 339 16.34 27.81 -11.95
N ALA A 340 17.06 28.54 -11.10
CA ALA A 340 17.35 29.96 -11.31
C ALA A 340 18.85 30.17 -11.41
N GLU A 341 19.55 29.16 -11.93
CA GLU A 341 21.00 29.02 -11.69
C GLU A 341 21.81 30.30 -11.97
N GLY A 342 21.51 30.96 -13.08
CA GLY A 342 22.22 32.19 -13.42
C GLY A 342 21.76 33.48 -12.75
N GLY A 343 20.80 33.44 -11.81
CA GLY A 343 20.10 34.66 -11.39
C GLY A 343 19.77 34.88 -9.92
N ILE A 344 20.52 34.27 -9.00
CA ILE A 344 20.37 34.57 -7.56
C ILE A 344 21.45 35.56 -7.14
N VAL A 345 21.12 36.85 -7.25
CA VAL A 345 21.98 37.92 -6.73
C VAL A 345 21.17 38.97 -5.97
N ALA A 346 21.69 39.36 -4.80
CA ALA A 346 21.11 40.42 -3.98
C ALA A 346 20.82 41.67 -4.83
N GLY A 347 19.56 42.13 -4.80
CA GLY A 347 19.12 43.26 -5.62
C GLY A 347 18.32 42.86 -6.85
N LYS A 348 18.53 41.66 -7.36
CA LYS A 348 17.77 41.17 -8.50
C LYS A 348 16.65 40.22 -8.06
N GLU A 349 15.52 40.28 -8.78
CA GLU A 349 14.43 39.33 -8.59
C GLU A 349 14.78 37.96 -9.20
N VAL A 350 14.38 36.90 -8.51
CA VAL A 350 14.65 35.52 -8.92
C VAL A 350 13.48 34.97 -9.71
N HIS A 351 13.78 34.09 -10.66
CA HIS A 351 12.76 33.41 -11.47
C HIS A 351 12.84 31.90 -11.25
N HIS A 352 11.72 31.30 -10.87
CA HIS A 352 11.56 29.84 -10.69
C HIS A 352 12.74 29.08 -10.07
N PRO A 353 13.04 29.36 -8.79
CA PRO A 353 14.16 28.70 -8.09
C PRO A 353 13.72 27.36 -7.46
N HIS A 354 13.05 26.53 -8.25
CA HIS A 354 12.39 25.35 -7.71
C HIS A 354 13.39 24.31 -7.21
N LYS A 355 14.40 24.04 -8.04
CA LYS A 355 15.51 23.19 -7.66
C LYS A 355 16.13 23.67 -6.36
N GLU A 356 16.52 24.94 -6.36
CA GLU A 356 17.24 25.57 -5.23
C GLU A 356 16.44 25.57 -3.93
N MET A 357 15.15 25.92 -4.02
CA MET A 357 14.27 25.94 -2.86
C MET A 357 14.16 24.58 -2.19
N ASN A 358 13.87 23.55 -2.99
CA ASN A 358 13.71 22.16 -2.48
C ASN A 358 15.02 21.64 -1.88
N GLU A 359 16.15 21.79 -2.59
CA GLU A 359 17.44 21.31 -2.09
C GLU A 359 18.09 22.29 -1.07
N GLY A 360 17.53 23.49 -0.94
CA GLY A 360 18.00 24.46 0.05
C GLY A 360 19.34 25.13 -0.23
N LYS A 361 19.78 25.11 -1.48
CA LYS A 361 21.02 25.75 -1.91
C LYS A 361 20.70 27.06 -2.61
N ILE A 362 20.68 28.14 -1.84
CA ILE A 362 20.36 29.47 -2.39
C ILE A 362 21.53 30.46 -2.38
N GLY A 363 22.69 30.04 -1.86
CA GLY A 363 23.82 30.95 -1.67
C GLY A 363 23.49 32.09 -0.72
N LEU A 364 23.90 33.30 -1.07
CA LEU A 364 23.62 34.52 -0.27
C LEU A 364 24.06 34.42 1.20
N GLY A 365 25.13 33.65 1.45
CA GLY A 365 25.63 33.42 2.80
C GLY A 365 24.89 32.45 3.68
N PHE A 366 23.73 31.95 3.25
CA PHE A 366 22.97 30.98 4.04
C PHE A 366 23.59 29.59 3.85
N PRO A 367 23.74 28.81 4.94
CA PRO A 367 24.13 27.43 4.71
C PRO A 367 23.00 26.60 4.07
N ASP A 368 23.36 25.42 3.59
CA ASP A 368 22.41 24.52 2.96
C ASP A 368 21.34 24.07 3.95
N SER A 369 20.07 24.30 3.62
CA SER A 369 18.95 23.79 4.41
C SER A 369 17.94 23.08 3.48
N PRO A 370 18.28 21.86 3.03
CA PRO A 370 17.31 21.08 2.28
C PRO A 370 16.09 20.73 3.12
N SER A 371 14.92 20.68 2.48
CA SER A 371 13.70 20.32 3.16
C SER A 371 13.80 18.88 3.68
N VAL A 372 12.92 18.52 4.61
CA VAL A 372 12.91 17.15 5.15
C VAL A 372 12.67 16.16 4.01
N MET A 373 11.68 16.46 3.16
CA MET A 373 11.33 15.58 2.04
C MET A 373 12.44 15.48 1.00
N TYR A 374 13.16 16.57 0.74
CA TYR A 374 14.32 16.49 -0.14
C TYR A 374 15.34 15.49 0.40
N LYS A 375 15.68 15.61 1.69
CA LYS A 375 16.61 14.68 2.34
C LYS A 375 16.09 13.24 2.38
N ALA A 376 14.78 13.07 2.43
CA ALA A 376 14.15 11.75 2.37
C ALA A 376 13.92 11.18 0.96
N GLY A 377 14.45 11.83 -0.07
CA GLY A 377 14.41 11.32 -1.44
C GLY A 377 13.17 11.66 -2.25
N VAL A 378 12.31 12.54 -1.74
CA VAL A 378 11.14 12.97 -2.51
C VAL A 378 11.62 13.98 -3.57
N THR A 379 11.02 13.90 -4.75
CA THR A 379 11.42 14.73 -5.88
C THR A 379 10.17 15.26 -6.61
N CYS A 380 10.36 16.24 -7.50
CA CYS A 380 9.26 16.93 -8.20
C CYS A 380 8.22 15.97 -8.78
N VAL A 381 8.72 14.91 -9.40
CA VAL A 381 7.88 13.92 -10.06
C VAL A 381 6.84 13.33 -9.11
N ASP A 382 7.24 13.07 -7.87
CA ASP A 382 6.35 12.43 -6.89
C ASP A 382 5.12 13.25 -6.54
N CYS A 383 5.29 14.55 -6.37
CA CYS A 383 4.18 15.41 -5.99
C CYS A 383 3.43 15.90 -7.21
N HIS A 384 4.14 16.21 -8.28
CA HIS A 384 3.55 16.81 -9.47
C HIS A 384 3.07 15.86 -10.56
N MET A 385 3.43 14.59 -10.47
CA MET A 385 2.91 13.57 -11.38
C MET A 385 2.26 12.46 -10.59
N PRO A 386 1.25 12.79 -9.76
CA PRO A 386 0.62 11.77 -8.91
C PRO A 386 -0.07 10.70 -9.75
N LYS A 387 -0.11 9.48 -9.25
CA LYS A 387 -0.69 8.35 -9.97
C LYS A 387 -2.19 8.36 -9.82
N THR A 388 -2.84 9.25 -10.57
CA THR A 388 -4.28 9.46 -10.52
C THR A 388 -5.08 8.46 -11.35
N ALA A 389 -4.41 7.77 -12.28
CA ALA A 389 -5.04 6.77 -13.16
C ALA A 389 -4.33 5.43 -13.03
N GLY A 390 -4.74 4.63 -12.06
CA GLY A 390 -4.12 3.35 -11.78
C GLY A 390 -2.64 3.53 -11.51
N PRO A 391 -1.77 2.71 -12.16
CA PRO A 391 -0.34 2.84 -11.93
C PRO A 391 0.37 3.95 -12.76
N LYS A 392 -0.38 4.74 -13.53
CA LYS A 392 0.21 5.72 -14.46
C LYS A 392 0.39 7.11 -13.80
N ALA A 393 1.55 7.70 -14.00
CA ALA A 393 1.85 9.04 -13.50
C ALA A 393 1.17 10.10 -14.38
N SER A 394 0.42 11.01 -13.75
CA SER A 394 -0.29 12.05 -14.45
C SER A 394 0.68 13.05 -15.07
N HIS A 395 0.42 13.37 -16.33
CA HIS A 395 1.18 14.36 -17.06
C HIS A 395 0.58 15.76 -17.01
N LEU A 396 -0.40 15.99 -16.14
CA LEU A 396 -0.92 17.34 -15.93
C LEU A 396 0.07 18.24 -15.15
N MET A 397 1.06 17.63 -14.48
CA MET A 397 2.12 18.33 -13.75
C MET A 397 1.63 19.11 -12.52
N LYS A 398 0.36 18.90 -12.17
CA LYS A 398 -0.32 19.65 -11.13
C LYS A 398 -0.50 18.74 -9.92
N VAL A 399 -0.23 19.27 -8.73
CA VAL A 399 -0.48 18.54 -7.49
C VAL A 399 -1.98 18.30 -7.31
N VAL A 400 -2.31 17.12 -6.79
CA VAL A 400 -3.66 16.83 -6.32
C VAL A 400 -3.62 17.07 -4.81
N MET A 401 -4.30 18.12 -4.37
CA MET A 401 -4.44 18.42 -2.94
C MET A 401 -5.22 17.31 -2.24
N PRO A 402 -4.82 16.92 -1.01
CA PRO A 402 -5.57 15.88 -0.30
C PRO A 402 -7.08 16.14 -0.12
N LYS A 403 -7.49 17.41 -0.03
CA LYS A 403 -8.93 17.70 0.07
C LYS A 403 -9.68 17.18 -1.16
N ASP A 404 -9.09 17.36 -2.35
CA ASP A 404 -9.66 16.87 -3.59
C ASP A 404 -9.54 15.36 -3.70
N GLY A 405 -8.51 14.78 -3.08
CA GLY A 405 -8.42 13.34 -2.91
C GLY A 405 -9.62 12.77 -2.15
N LYS A 406 -9.99 13.46 -1.07
CA LYS A 406 -11.14 13.09 -0.25
C LYS A 406 -12.47 13.38 -0.95
N ALA A 407 -12.61 14.59 -1.45
CA ALA A 407 -13.84 15.05 -2.09
C ALA A 407 -14.27 14.24 -3.32
N ASN A 408 -13.30 13.70 -4.07
CA ASN A 408 -13.58 12.97 -5.32
C ASN A 408 -13.30 11.46 -5.26
N GLY A 409 -12.74 10.98 -4.15
CA GLY A 409 -12.35 9.57 -4.03
C GLY A 409 -11.20 9.20 -4.95
N MET A 410 -10.29 10.15 -5.16
CA MET A 410 -9.17 9.98 -6.09
C MET A 410 -7.85 9.91 -5.35
N PRO A 411 -6.83 9.26 -5.94
CA PRO A 411 -5.50 9.34 -5.34
C PRO A 411 -5.01 10.81 -5.32
N ASP A 412 -4.16 11.15 -4.36
CA ASP A 412 -3.63 12.51 -4.25
C ASP A 412 -2.12 12.51 -4.13
N SER A 413 -1.53 13.71 -4.15
CA SER A 413 -0.08 13.85 -4.13
C SER A 413 0.61 13.42 -2.83
N CYS A 414 -0.15 13.29 -1.73
CA CYS A 414 0.44 13.08 -0.39
C CYS A 414 0.14 11.73 0.28
N SER A 415 -1.09 11.23 0.11
CA SER A 415 -1.57 10.05 0.86
C SER A 415 -0.88 8.73 0.55
N SER A 416 -0.32 8.59 -0.65
CA SER A 416 0.36 7.34 -1.04
C SER A 416 1.66 7.16 -0.26
N CYS A 417 2.38 8.25 -0.02
CA CYS A 417 3.59 8.21 0.82
C CYS A 417 3.25 8.31 2.32
N HIS A 418 2.12 8.96 2.65
CA HIS A 418 1.65 9.11 4.03
C HIS A 418 0.29 8.45 4.29
N PRO A 419 0.18 7.11 4.13
CA PRO A 419 -1.09 6.43 4.39
C PRO A 419 -1.51 6.44 5.88
N GLY A 420 -0.55 6.60 6.80
CA GLY A 420 -0.85 6.82 8.22
C GLY A 420 -1.63 8.09 8.53
N ALA A 421 -1.43 9.14 7.73
CA ALA A 421 -2.11 10.40 7.93
C ALA A 421 -3.42 10.40 7.18
N SER A 422 -4.42 11.06 7.74
CA SER A 422 -5.70 11.27 7.07
C SER A 422 -5.54 12.37 6.04
N GLN A 423 -6.47 12.44 5.11
CA GLN A 423 -6.47 13.48 4.09
C GLN A 423 -6.71 14.88 4.68
N ASP A 424 -7.51 14.93 5.75
CA ASP A 424 -7.75 16.18 6.46
C ASP A 424 -6.50 16.64 7.22
N TYR A 425 -5.78 15.70 7.82
CA TYR A 425 -4.51 15.99 8.48
C TYR A 425 -3.49 16.55 7.49
N LEU A 426 -3.33 15.87 6.36
CA LEU A 426 -2.40 16.29 5.31
C LEU A 426 -2.78 17.61 4.68
N GLN A 427 -4.07 17.85 4.44
CA GLN A 427 -4.51 19.16 3.95
C GLN A 427 -4.25 20.29 4.96
N ASN A 428 -4.39 19.97 6.25
CA ASN A 428 -4.13 20.95 7.31
C ASN A 428 -2.64 21.34 7.38
N VAL A 429 -1.75 20.37 7.16
CA VAL A 429 -0.32 20.66 7.03
C VAL A 429 -0.07 21.68 5.91
N ILE A 430 -0.67 21.45 4.75
CA ILE A 430 -0.51 22.33 3.58
C ILE A 430 -1.07 23.74 3.83
N ASP A 431 -2.27 23.80 4.40
CA ASP A 431 -2.94 25.08 4.66
C ASP A 431 -2.24 25.89 5.75
N THR A 432 -1.72 25.21 6.79
CA THR A 432 -0.95 25.86 7.86
C THR A 432 0.31 26.50 7.28
N TRP A 433 1.10 25.70 6.56
CA TRP A 433 2.28 26.20 5.83
C TRP A 433 1.95 27.35 4.90
N GLN A 434 0.98 27.14 4.00
CA GLN A 434 0.67 28.12 2.97
C GLN A 434 0.07 29.43 3.51
N ASN A 435 -0.81 29.34 4.51
CA ASN A 435 -1.42 30.54 5.10
C ASN A 435 -0.38 31.39 5.81
N ASP A 436 0.52 30.74 6.54
CA ASP A 436 1.63 31.44 7.16
C ASP A 436 2.48 32.17 6.11
N ILE A 437 2.91 31.44 5.08
CA ILE A 437 3.82 32.00 4.06
C ILE A 437 3.12 33.08 3.21
N LYS A 438 1.86 32.85 2.81
CA LYS A 438 1.07 33.87 2.08
C LYS A 438 0.95 35.19 2.83
N GLY A 439 0.79 35.10 4.15
CA GLY A 439 0.70 36.25 5.03
C GLY A 439 1.99 37.04 5.05
N ARG A 440 3.10 36.37 5.39
CA ARG A 440 4.43 36.99 5.38
C ARG A 440 4.79 37.61 4.04
N LEU A 441 4.42 36.94 2.95
CA LEU A 441 4.65 37.46 1.60
C LEU A 441 3.86 38.75 1.34
N ALA A 442 2.64 38.82 1.85
CA ALA A 442 1.81 40.03 1.75
C ALA A 442 2.41 41.20 2.54
N LYS A 443 2.91 40.94 3.76
CA LYS A 443 3.57 41.96 4.60
C LYS A 443 4.83 42.49 3.94
N VAL A 444 5.73 41.58 3.59
CA VAL A 444 7.03 41.93 3.02
C VAL A 444 6.89 42.64 1.67
N LYS A 445 5.92 42.23 0.85
CA LYS A 445 5.66 42.92 -0.43
C LYS A 445 5.19 44.36 -0.21
N ALA A 446 4.26 44.54 0.74
CA ALA A 446 3.76 45.87 1.11
C ALA A 446 4.86 46.77 1.71
N LYS A 447 5.71 46.18 2.53
CA LYS A 447 6.89 46.89 3.07
C LYS A 447 7.93 47.24 1.99
N LEU A 448 8.14 46.35 1.03
CA LEU A 448 9.05 46.61 -0.09
C LEU A 448 8.54 47.70 -1.03
N ASP A 449 7.22 47.71 -1.27
CA ASP A 449 6.57 48.79 -2.06
C ASP A 449 6.65 50.13 -1.31
N ALA A 450 6.34 50.10 -0.01
CA ALA A 450 6.33 51.31 0.85
C ALA A 450 7.69 52.00 0.90
N LYS A 451 8.74 51.22 1.10
CA LYS A 451 10.11 51.76 1.18
C LYS A 451 10.87 51.69 -0.14
N LYS A 452 10.17 51.94 -1.24
CA LYS A 452 10.77 51.95 -2.59
C LYS A 452 11.92 52.97 -2.71
N ALA A 453 11.81 54.09 -1.99
CA ALA A 453 12.85 55.14 -1.97
C ALA A 453 14.21 54.67 -1.44
N ALA A 454 14.22 53.66 -0.55
CA ALA A 454 15.47 53.09 -0.01
C ALA A 454 16.04 51.92 -0.86
N ALA A 455 15.61 51.81 -2.10
CA ALA A 455 15.99 50.68 -2.99
C ALA A 455 17.49 50.49 -3.22
N ASN A 456 18.25 51.60 -3.18
CA ASN A 456 19.70 51.56 -3.41
C ASN A 456 20.51 50.93 -2.27
N SER A 457 19.92 50.81 -1.07
CA SER A 457 20.63 50.25 0.09
C SER A 457 20.84 48.74 -0.02
N GLN A 458 21.90 48.26 0.62
CA GLN A 458 22.27 46.83 0.58
C GLN A 458 21.26 45.97 1.33
N ALA A 459 20.73 46.50 2.44
CA ALA A 459 19.73 45.80 3.24
C ALA A 459 18.44 45.52 2.45
N TYR A 460 17.94 46.55 1.77
CA TYR A 460 16.73 46.44 0.95
C TYR A 460 16.91 45.45 -0.20
N LYS A 461 18.04 45.58 -0.90
CA LYS A 461 18.39 44.70 -2.02
C LYS A 461 18.35 43.22 -1.62
N GLU A 462 18.94 42.91 -0.46
CA GLU A 462 18.95 41.56 0.07
C GLU A 462 17.53 41.08 0.46
N ALA A 463 16.74 41.94 1.08
CA ALA A 463 15.34 41.63 1.41
C ALA A 463 14.46 41.43 0.17
N LEU A 464 14.70 42.21 -0.88
CA LEU A 464 13.98 42.03 -2.16
C LEU A 464 14.23 40.64 -2.76
N THR A 465 15.49 40.21 -2.71
CA THR A 465 15.89 38.91 -3.24
C THR A 465 15.37 37.76 -2.37
N TYR A 466 15.43 37.90 -1.05
CA TYR A 466 14.91 36.86 -0.14
C TYR A 466 13.41 36.65 -0.41
N TYR A 467 12.66 37.75 -0.40
CA TYR A 467 11.24 37.77 -0.76
C TYR A 467 10.97 37.10 -2.12
N SER A 468 11.82 37.41 -3.10
CA SER A 468 11.59 36.94 -4.48
C SER A 468 11.80 35.43 -4.64
N ILE A 469 12.75 34.87 -3.90
CA ILE A 469 12.98 33.42 -3.89
C ILE A 469 11.70 32.69 -3.50
N VAL A 470 11.12 33.10 -2.37
CA VAL A 470 9.94 32.46 -1.79
C VAL A 470 8.71 32.68 -2.67
N ALA A 471 8.55 33.89 -3.19
CA ALA A 471 7.40 34.23 -4.04
C ALA A 471 7.46 33.55 -5.39
N ALA A 472 8.59 33.69 -6.08
CA ALA A 472 8.76 33.12 -7.42
C ALA A 472 8.77 31.59 -7.43
N ASP A 473 9.20 30.98 -6.32
CA ASP A 473 9.08 29.54 -6.11
C ASP A 473 7.65 29.07 -6.31
N GLY A 474 6.70 29.87 -5.83
CA GLY A 474 5.29 29.66 -6.12
C GLY A 474 4.61 28.54 -5.35
N SER A 475 5.31 27.89 -4.42
CA SER A 475 4.68 26.83 -3.62
C SER A 475 4.11 27.33 -2.29
N ASN A 476 4.26 28.62 -2.01
CA ASN A 476 3.93 29.20 -0.71
C ASN A 476 4.44 28.35 0.46
N GLY A 477 5.70 27.94 0.37
CA GLY A 477 6.38 27.25 1.45
C GLY A 477 6.40 25.74 1.42
N VAL A 478 5.58 25.11 0.59
CA VAL A 478 5.47 23.63 0.63
C VAL A 478 6.78 22.97 0.21
N HIS A 479 7.48 23.60 -0.73
CA HIS A 479 8.76 23.06 -1.20
C HIS A 479 9.84 22.99 -0.13
N ASN A 480 9.82 23.94 0.79
CA ASN A 480 10.77 23.98 1.91
C ASN A 480 10.31 25.01 2.94
N TYR A 481 9.42 24.60 3.85
CA TYR A 481 8.76 25.53 4.77
C TYR A 481 9.71 26.33 5.63
N ASP A 482 10.67 25.64 6.25
CA ASP A 482 11.60 26.30 7.19
C ASP A 482 12.49 27.34 6.49
N LEU A 483 12.92 27.04 5.27
CA LEU A 483 13.70 28.00 4.49
C LEU A 483 12.87 29.21 4.11
N ALA A 484 11.61 29.00 3.73
CA ALA A 484 10.68 30.09 3.40
C ALA A 484 10.52 31.06 4.57
N VAL A 485 10.35 30.50 5.76
CA VAL A 485 10.21 31.26 7.00
C VAL A 485 11.51 32.00 7.32
N LYS A 486 12.63 31.27 7.31
CA LYS A 486 13.96 31.84 7.51
C LYS A 486 14.24 33.03 6.56
N LEU A 487 13.87 32.88 5.29
CA LEU A 487 14.07 33.95 4.30
C LEU A 487 13.19 35.17 4.55
N LEU A 488 11.90 34.94 4.80
CA LEU A 488 10.97 36.06 5.01
C LEU A 488 11.11 36.69 6.40
N THR A 489 11.58 35.93 7.38
CA THR A 489 12.01 36.49 8.67
C THR A 489 13.24 37.39 8.47
N ALA A 490 14.26 36.88 7.78
CA ALA A 490 15.45 37.64 7.44
C ALA A 490 15.14 38.86 6.57
N ALA A 491 14.15 38.74 5.68
CA ALA A 491 13.71 39.88 4.88
C ALA A 491 13.16 41.01 5.76
N GLU A 492 12.35 40.67 6.76
CA GLU A 492 11.77 41.68 7.68
C GLU A 492 12.77 42.29 8.66
N GLN A 493 13.74 41.50 9.11
CA GLN A 493 14.85 42.04 9.91
C GLN A 493 15.67 43.06 9.11
N LYS A 494 15.95 42.76 7.85
CA LYS A 494 16.66 43.68 6.94
C LYS A 494 15.84 44.95 6.65
N LEU A 495 14.51 44.85 6.66
CA LEU A 495 13.63 46.00 6.40
C LEU A 495 13.34 46.89 7.64
N GLN A 496 14.03 46.65 8.77
CA GLN A 496 14.03 47.60 9.89
C GLN A 496 15.17 48.63 9.75
N THR B 14 -24.11 -37.88 23.20
CA THR B 14 -23.29 -36.65 23.41
C THR B 14 -23.80 -35.81 24.60
N GLU B 15 -22.85 -35.16 25.28
CA GLU B 15 -23.11 -34.28 26.42
C GLU B 15 -23.26 -32.80 26.02
N TYR B 16 -23.10 -32.50 24.73
CA TYR B 16 -23.16 -31.14 24.18
C TYR B 16 -24.57 -30.78 23.74
N VAL B 17 -25.13 -29.71 24.31
CA VAL B 17 -26.52 -29.29 24.07
C VAL B 17 -26.69 -28.09 23.12
N GLY B 18 -25.59 -27.45 22.71
CA GLY B 18 -25.64 -26.28 21.83
C GLY B 18 -26.06 -25.00 22.48
N ASP B 19 -25.91 -23.88 21.76
CA ASP B 19 -26.10 -22.54 22.32
C ASP B 19 -27.54 -22.13 22.65
N GLU B 20 -28.51 -22.64 21.88
CA GLU B 20 -29.94 -22.29 22.09
C GLU B 20 -30.46 -22.61 23.48
N ALA B 21 -29.99 -23.72 24.05
CA ALA B 21 -30.27 -24.13 25.44
C ALA B 21 -29.94 -23.08 26.52
N CYS B 22 -28.97 -22.21 26.25
CA CYS B 22 -28.49 -21.24 27.23
C CYS B 22 -29.18 -19.88 27.16
N LYS B 23 -29.95 -19.61 26.10
CA LYS B 23 -30.59 -18.30 25.89
C LYS B 23 -31.62 -17.94 26.97
N THR B 24 -32.34 -18.94 27.46
CA THR B 24 -33.37 -18.73 28.48
C THR B 24 -32.79 -18.16 29.79
N CYS B 25 -31.76 -18.80 30.33
CA CYS B 25 -31.18 -18.39 31.62
C CYS B 25 -30.12 -17.27 31.51
N HIS B 26 -29.42 -17.18 30.36
CA HIS B 26 -28.34 -16.20 30.14
C HIS B 26 -28.64 -15.36 28.92
N SER B 27 -29.68 -14.55 29.04
CA SER B 27 -30.26 -13.84 27.90
C SER B 27 -29.32 -12.83 27.27
N ASP B 28 -28.70 -12.00 28.12
CA ASP B 28 -27.82 -10.93 27.66
C ASP B 28 -26.52 -11.49 27.07
N VAL B 29 -25.92 -12.45 27.78
CA VAL B 29 -24.70 -13.10 27.30
C VAL B 29 -24.93 -13.74 25.91
N HIS B 30 -26.04 -14.45 25.74
CA HIS B 30 -26.37 -15.06 24.44
C HIS B 30 -26.50 -14.00 23.33
N SER B 31 -27.13 -12.87 23.63
CA SER B 31 -27.28 -11.77 22.67
C SER B 31 -25.93 -11.18 22.27
N ALA B 32 -25.09 -10.92 23.26
CA ALA B 32 -23.76 -10.35 23.04
C ALA B 32 -22.86 -11.32 22.30
N TRP B 33 -22.88 -12.60 22.70
CA TRP B 33 -22.18 -13.66 21.97
C TRP B 33 -22.66 -13.76 20.52
N SER B 34 -23.96 -13.61 20.29
CA SER B 34 -24.55 -13.69 18.93
C SER B 34 -23.98 -12.67 17.95
N GLU B 35 -23.65 -11.48 18.44
CA GLU B 35 -23.08 -10.42 17.59
C GLU B 35 -21.59 -10.62 17.28
N THR B 36 -20.89 -11.41 18.09
CA THR B 36 -19.46 -11.69 17.84
C THR B 36 -19.28 -12.60 16.64
N SER B 37 -18.16 -12.46 15.96
CA SER B 37 -17.86 -13.32 14.81
C SER B 37 -17.60 -14.79 15.21
N HIS B 38 -17.21 -15.04 16.46
CA HIS B 38 -17.30 -16.39 17.07
C HIS B 38 -18.70 -16.98 16.87
N GLY B 39 -19.69 -16.22 17.35
CA GLY B 39 -21.08 -16.63 17.29
C GLY B 39 -21.71 -16.77 15.90
N ASN B 40 -21.05 -16.25 14.87
CA ASN B 40 -21.51 -16.36 13.48
C ASN B 40 -20.53 -17.14 12.59
N PHE B 41 -19.69 -18.00 13.18
CA PHE B 41 -18.59 -18.61 12.44
C PHE B 41 -19.03 -19.61 11.36
N ILE B 42 -20.08 -20.39 11.63
CA ILE B 42 -20.61 -21.36 10.65
C ILE B 42 -22.07 -21.05 10.29
N LYS B 43 -22.36 -21.01 8.99
CA LYS B 43 -23.72 -20.87 8.49
C LYS B 43 -24.01 -21.99 7.51
N ASP B 44 -25.16 -22.63 7.70
CA ASP B 44 -25.69 -23.59 6.74
C ASP B 44 -26.33 -22.77 5.63
N VAL B 45 -25.75 -22.84 4.42
CA VAL B 45 -26.26 -22.05 3.29
C VAL B 45 -27.40 -22.72 2.51
N THR B 46 -27.66 -24.00 2.77
CA THR B 46 -28.87 -24.64 2.26
C THR B 46 -30.08 -24.12 3.03
N LYS B 47 -29.98 -24.07 4.36
CA LYS B 47 -31.04 -23.50 5.21
C LYS B 47 -31.14 -21.97 5.14
N ASP B 48 -30.02 -21.29 4.85
CA ASP B 48 -29.98 -19.83 4.80
C ASP B 48 -29.15 -19.36 3.58
N PRO B 49 -29.76 -19.33 2.38
CA PRO B 49 -29.07 -18.94 1.13
C PRO B 49 -28.45 -17.53 1.12
N LYS B 50 -29.04 -16.60 1.86
CA LYS B 50 -28.53 -15.23 1.95
C LYS B 50 -27.11 -15.17 2.52
N ALA B 51 -26.80 -16.08 3.45
CA ALA B 51 -25.49 -16.16 4.09
C ALA B 51 -24.31 -16.58 3.18
N LEU B 52 -24.59 -17.20 2.02
CA LEU B 52 -23.53 -17.57 1.07
C LEU B 52 -22.93 -16.32 0.41
N PRO B 53 -21.65 -16.01 0.71
CA PRO B 53 -21.06 -14.79 0.15
C PRO B 53 -20.48 -15.06 -1.24
N GLY B 54 -20.04 -13.98 -1.90
CA GLY B 54 -19.34 -14.06 -3.19
C GLY B 54 -20.24 -14.16 -4.39
N ASN B 55 -19.68 -13.85 -5.56
CA ASN B 55 -20.44 -13.76 -6.80
C ASN B 55 -20.39 -15.05 -7.61
N PHE B 56 -21.54 -15.68 -7.78
CA PHE B 56 -21.70 -16.89 -8.60
C PHE B 56 -22.47 -16.60 -9.91
N GLU B 57 -22.76 -15.32 -10.18
CA GLU B 57 -23.60 -14.94 -11.32
C GLU B 57 -22.82 -14.99 -12.65
N GLY B 58 -23.46 -15.53 -13.69
CA GLY B 58 -22.93 -15.48 -15.05
C GLY B 58 -21.83 -16.49 -15.31
N ASN B 59 -20.64 -15.99 -15.66
CA ASN B 59 -19.48 -16.84 -15.97
C ASN B 59 -18.64 -17.25 -14.76
N TYR B 60 -18.92 -16.70 -13.58
CA TYR B 60 -18.12 -17.01 -12.37
C TYR B 60 -17.91 -18.53 -12.11
N PRO B 61 -18.96 -19.36 -12.27
CA PRO B 61 -18.79 -20.83 -12.19
C PRO B 61 -17.76 -21.44 -13.16
N LYS B 62 -17.60 -20.86 -14.35
CA LYS B 62 -16.58 -21.32 -15.31
C LYS B 62 -15.15 -21.10 -14.78
N MET B 63 -14.94 -19.97 -14.08
CA MET B 63 -13.66 -19.67 -13.44
C MET B 63 -13.47 -20.49 -12.18
N LEU B 64 -14.49 -20.49 -11.31
CA LEU B 64 -14.43 -21.17 -10.02
C LEU B 64 -14.30 -22.69 -10.13
N ASN B 65 -14.92 -23.26 -11.17
CA ASN B 65 -15.07 -24.72 -11.35
C ASN B 65 -15.98 -25.36 -10.27
N PHE B 66 -16.90 -24.57 -9.75
CA PHE B 66 -18.01 -25.07 -8.94
C PHE B 66 -19.10 -24.00 -8.93
N LYS B 67 -20.25 -24.32 -8.33
CA LYS B 67 -21.37 -23.37 -8.30
C LYS B 67 -22.03 -23.33 -6.91
N ALA B 68 -22.89 -22.33 -6.72
CA ALA B 68 -23.57 -22.07 -5.44
C ALA B 68 -24.28 -23.30 -4.83
N GLU B 69 -24.86 -24.12 -5.70
CA GLU B 69 -25.61 -25.30 -5.28
C GLU B 69 -24.71 -26.38 -4.65
N ASP B 70 -23.42 -26.36 -4.96
CA ASP B 70 -22.45 -27.31 -4.40
C ASP B 70 -22.05 -27.05 -2.94
N ILE B 71 -22.41 -25.87 -2.40
CA ILE B 71 -21.91 -25.43 -1.09
C ILE B 71 -22.91 -25.71 0.04
N GLN B 72 -22.37 -26.29 1.12
CA GLN B 72 -23.15 -26.67 2.31
C GLN B 72 -23.00 -25.63 3.43
N TYR B 73 -21.75 -25.27 3.74
CA TYR B 73 -21.46 -24.27 4.78
C TYR B 73 -20.52 -23.15 4.30
N VAL B 74 -20.56 -22.03 5.02
CA VAL B 74 -19.55 -20.96 4.93
C VAL B 74 -18.87 -20.86 6.28
N LEU B 75 -17.53 -20.86 6.28
CA LEU B 75 -16.73 -20.62 7.48
C LEU B 75 -16.35 -19.14 7.53
N LEU B 76 -16.54 -18.54 8.70
CA LEU B 76 -16.54 -17.09 8.93
C LEU B 76 -17.80 -16.47 8.31
N GLY B 77 -18.94 -16.72 8.95
CA GLY B 77 -20.24 -16.28 8.45
C GLY B 77 -20.48 -14.79 8.58
N LYS B 78 -19.96 -14.18 9.67
CA LYS B 78 -19.93 -12.73 9.81
C LYS B 78 -18.47 -12.27 9.88
N PRO B 79 -18.01 -11.47 8.89
CA PRO B 79 -16.68 -10.87 9.00
C PRO B 79 -16.60 -9.83 10.14
N GLY B 80 -15.45 -9.79 10.82
CA GLY B 80 -15.13 -8.76 11.79
C GLY B 80 -13.80 -8.15 11.42
N ALA B 81 -12.85 -8.16 12.36
CA ALA B 81 -11.43 -7.89 12.07
C ALA B 81 -10.90 -8.82 10.97
N LEU B 82 -11.29 -10.10 11.04
CA LEU B 82 -10.92 -11.09 10.01
C LEU B 82 -12.00 -11.13 8.92
N LYS B 83 -11.54 -11.26 7.66
CA LYS B 83 -12.37 -10.96 6.47
C LYS B 83 -12.44 -12.03 5.36
N VAL B 84 -11.53 -13.00 5.34
CA VAL B 84 -11.53 -14.01 4.27
C VAL B 84 -12.48 -15.18 4.63
N GLN B 85 -13.46 -15.44 3.78
CA GLN B 85 -14.51 -16.45 4.02
C GLN B 85 -14.30 -17.70 3.19
N GLU B 86 -14.26 -18.86 3.85
CA GLU B 86 -14.09 -20.17 3.20
C GLU B 86 -15.42 -20.89 3.05
N LEU B 87 -15.48 -21.81 2.10
CA LEU B 87 -16.70 -22.57 1.78
C LEU B 87 -16.47 -24.07 1.96
N VAL B 88 -17.44 -24.73 2.60
CA VAL B 88 -17.43 -26.19 2.74
C VAL B 88 -18.52 -26.73 1.81
N GLY B 89 -18.12 -27.62 0.90
CA GLY B 89 -19.06 -28.22 -0.04
C GLY B 89 -19.90 -29.32 0.57
N LYS B 90 -20.81 -29.86 -0.23
CA LYS B 90 -21.74 -30.89 0.23
C LYS B 90 -21.03 -32.22 0.48
N LYS B 91 -21.57 -32.98 1.43
CA LYS B 91 -20.93 -34.18 2.01
C LYS B 91 -20.49 -35.18 0.94
N GLY B 92 -19.26 -35.66 1.04
CA GLY B 92 -18.72 -36.65 0.10
C GLY B 92 -18.17 -36.13 -1.22
N THR B 93 -18.50 -34.90 -1.61
CA THR B 93 -18.17 -34.41 -2.96
C THR B 93 -16.70 -33.98 -3.10
N PHE B 94 -16.28 -33.80 -4.35
CA PHE B 94 -14.96 -33.30 -4.72
C PHE B 94 -13.78 -34.06 -4.11
N GLY B 95 -13.87 -35.39 -4.12
CA GLY B 95 -12.72 -36.27 -3.83
C GLY B 95 -12.49 -36.65 -2.38
N VAL B 96 -13.30 -36.11 -1.47
CA VAL B 96 -13.17 -36.44 -0.04
C VAL B 96 -13.96 -37.72 0.28
N PRO B 97 -13.57 -38.43 1.36
CA PRO B 97 -14.36 -39.57 1.85
C PRO B 97 -15.86 -39.25 2.05
N ALA B 98 -16.70 -40.27 1.92
CA ALA B 98 -18.16 -40.10 1.98
C ALA B 98 -18.69 -39.56 3.32
N ASP B 99 -17.95 -39.78 4.41
CA ASP B 99 -18.34 -39.30 5.76
C ASP B 99 -17.70 -37.94 6.17
N ASP B 100 -17.08 -37.25 5.21
CA ASP B 100 -16.45 -35.94 5.43
C ASP B 100 -16.93 -34.94 4.36
N TYR B 101 -16.53 -33.68 4.50
CA TYR B 101 -16.94 -32.60 3.58
C TYR B 101 -15.71 -31.95 2.93
N PRO B 102 -15.84 -31.47 1.68
CA PRO B 102 -14.74 -30.76 1.02
C PRO B 102 -14.67 -29.27 1.38
N VAL B 103 -13.57 -28.86 2.01
CA VAL B 103 -13.22 -27.45 2.08
C VAL B 103 -12.81 -27.04 0.66
N MET B 104 -13.44 -26.00 0.15
CA MET B 104 -13.30 -25.64 -1.26
C MET B 104 -12.01 -24.87 -1.52
N TRP B 105 -11.69 -24.71 -2.79
CA TRP B 105 -10.40 -24.15 -3.26
C TRP B 105 -10.50 -22.65 -3.59
N ALA B 106 -11.67 -22.05 -3.35
CA ALA B 106 -11.87 -20.63 -3.57
C ALA B 106 -12.43 -19.98 -2.32
N SER B 107 -11.74 -18.97 -1.82
CA SER B 107 -12.20 -18.17 -0.69
C SER B 107 -12.60 -16.78 -1.16
N TRP B 108 -13.55 -16.17 -0.44
CA TRP B 108 -14.04 -14.84 -0.75
C TRP B 108 -13.46 -13.84 0.24
N ASP B 109 -12.79 -12.80 -0.25
CA ASP B 109 -12.30 -11.70 0.60
C ASP B 109 -13.40 -10.65 0.64
N ALA B 110 -14.24 -10.63 1.67
CA ALA B 110 -15.32 -9.66 1.81
C ALA B 110 -14.88 -8.16 1.86
N GLY B 111 -13.86 -7.88 2.66
CA GLY B 111 -13.26 -6.55 2.76
C GLY B 111 -12.74 -6.00 1.43
N LYS B 112 -12.07 -6.86 0.66
CA LYS B 112 -11.58 -6.52 -0.69
C LYS B 112 -12.67 -6.72 -1.78
N GLY B 113 -13.57 -7.67 -1.56
CA GLY B 113 -14.68 -7.93 -2.47
C GLY B 113 -14.27 -8.69 -3.72
N GLU B 114 -13.72 -9.89 -3.55
CA GLU B 114 -13.07 -10.62 -4.66
C GLU B 114 -12.80 -12.08 -4.31
N TRP B 115 -12.85 -12.97 -5.32
CA TRP B 115 -12.45 -14.39 -5.15
C TRP B 115 -10.92 -14.56 -5.04
N GLU B 116 -10.50 -15.57 -4.30
CA GLU B 116 -9.10 -15.99 -4.21
C GLU B 116 -9.09 -17.48 -4.46
N ILE B 117 -8.39 -17.92 -5.51
CA ILE B 117 -8.44 -19.29 -5.99
C ILE B 117 -7.07 -19.96 -5.81
N GLU B 118 -7.04 -21.05 -5.05
CA GLU B 118 -5.87 -21.93 -4.99
C GLU B 118 -5.97 -22.87 -6.20
N VAL B 119 -5.20 -22.58 -7.24
CA VAL B 119 -5.35 -23.25 -8.55
C VAL B 119 -4.97 -24.73 -8.48
N GLU B 120 -3.97 -25.06 -7.66
CA GLU B 120 -3.52 -26.45 -7.49
C GLU B 120 -4.57 -27.38 -6.87
N ALA B 121 -5.52 -26.83 -6.12
CA ALA B 121 -6.60 -27.62 -5.51
C ALA B 121 -7.94 -27.58 -6.27
N ILE B 122 -7.95 -27.11 -7.52
CA ILE B 122 -9.18 -27.10 -8.31
C ILE B 122 -9.62 -28.55 -8.56
N GLY B 123 -10.83 -28.87 -8.13
CA GLY B 123 -11.38 -30.22 -8.19
C GLY B 123 -11.24 -31.01 -6.89
N GLU B 124 -10.15 -30.77 -6.15
CA GLU B 124 -9.80 -31.55 -4.97
C GLU B 124 -10.07 -30.77 -3.70
N GLY B 125 -11.23 -31.03 -3.08
CA GLY B 125 -11.56 -30.47 -1.78
C GLY B 125 -10.70 -31.10 -0.68
N THR B 126 -10.43 -30.31 0.35
CA THR B 126 -9.67 -30.77 1.52
C THR B 126 -10.69 -31.33 2.54
N PRO B 127 -10.41 -32.52 3.14
CA PRO B 127 -11.40 -33.06 4.08
C PRO B 127 -11.52 -32.18 5.33
N TRP B 128 -12.72 -31.71 5.59
CA TRP B 128 -12.96 -30.71 6.63
C TRP B 128 -12.74 -31.25 8.05
N LEU B 129 -13.37 -32.39 8.36
CA LEU B 129 -13.38 -32.93 9.72
C LEU B 129 -12.03 -33.50 10.17
N SER B 130 -11.36 -34.19 9.28
CA SER B 130 -10.06 -34.76 9.59
C SER B 130 -8.92 -33.73 9.54
N THR B 131 -9.09 -32.63 8.82
CA THR B 131 -8.04 -31.59 8.70
C THR B 131 -8.29 -30.36 9.57
N CYS B 132 -9.52 -29.88 9.64
CA CYS B 132 -9.81 -28.56 10.25
C CYS B 132 -10.68 -28.57 11.49
N ALA B 133 -11.72 -29.39 11.50
CA ALA B 133 -12.90 -29.11 12.32
C ALA B 133 -12.77 -29.25 13.82
N GLY B 134 -11.66 -29.81 14.31
CA GLY B 134 -11.38 -29.81 15.76
C GLY B 134 -11.36 -28.42 16.39
N CYS B 135 -10.98 -27.41 15.60
CA CYS B 135 -11.07 -26.00 16.03
C CYS B 135 -12.43 -25.35 15.70
N HIS B 136 -13.32 -26.04 14.98
CA HIS B 136 -14.59 -25.46 14.49
C HIS B 136 -15.91 -26.00 15.06
N VAL B 137 -15.90 -27.23 15.60
CA VAL B 137 -17.14 -27.89 16.11
C VAL B 137 -16.94 -28.59 17.47
N THR B 138 -18.06 -28.86 18.16
CA THR B 138 -18.06 -29.65 19.40
C THR B 138 -18.19 -31.15 19.14
N GLY B 139 -17.77 -31.95 20.13
CA GLY B 139 -17.94 -33.41 20.12
C GLY B 139 -17.52 -34.10 18.85
N LEU B 140 -16.31 -33.80 18.39
CA LEU B 140 -15.79 -34.35 17.14
C LEU B 140 -15.18 -35.73 17.38
N THR B 141 -15.63 -36.71 16.59
CA THR B 141 -15.02 -38.04 16.56
C THR B 141 -14.48 -38.27 15.15
N VAL B 142 -13.25 -38.76 15.07
CA VAL B 142 -12.61 -39.10 13.80
C VAL B 142 -11.73 -40.34 14.01
N PRO B 143 -11.48 -41.11 12.92
CA PRO B 143 -10.58 -42.26 13.06
C PRO B 143 -9.14 -41.87 13.47
N THR B 144 -8.58 -42.60 14.43
CA THR B 144 -7.17 -42.46 14.84
C THR B 144 -6.46 -43.79 14.57
N ASP B 145 -5.17 -43.91 14.91
CA ASP B 145 -4.49 -45.21 14.81
C ASP B 145 -4.86 -46.16 15.97
N LYS B 146 -5.45 -45.62 17.05
CA LYS B 146 -6.05 -46.42 18.12
C LYS B 146 -7.45 -46.94 17.69
N ASN B 147 -8.24 -46.09 17.04
CA ASN B 147 -9.57 -46.45 16.53
C ASN B 147 -9.73 -46.16 15.04
N PRO B 148 -9.07 -46.96 14.17
CA PRO B 148 -9.27 -46.77 12.71
C PRO B 148 -10.72 -46.92 12.23
N LYS B 149 -11.54 -47.65 12.98
CA LYS B 149 -12.93 -47.92 12.60
C LYS B 149 -13.89 -46.74 12.81
N ALA B 150 -13.60 -45.89 13.79
CA ALA B 150 -14.56 -44.86 14.25
C ALA B 150 -15.19 -44.04 13.13
N ALA B 151 -16.49 -43.78 13.25
CA ALA B 151 -17.23 -43.02 12.25
C ALA B 151 -17.05 -41.52 12.51
N LYS B 152 -16.92 -40.74 11.43
CA LYS B 152 -16.75 -39.30 11.53
C LYS B 152 -18.09 -38.60 11.81
N ALA B 153 -18.16 -37.88 12.92
CA ALA B 153 -19.35 -37.11 13.29
C ALA B 153 -19.00 -35.98 14.27
N PHE B 154 -19.92 -35.02 14.41
CA PHE B 154 -19.79 -33.95 15.39
C PHE B 154 -21.15 -33.58 15.99
N ALA B 155 -21.13 -32.88 17.12
CA ALA B 155 -22.35 -32.47 17.84
C ALA B 155 -22.94 -31.12 17.37
N GLY B 156 -22.14 -30.06 17.43
CA GLY B 156 -22.64 -28.68 17.19
C GLY B 156 -21.65 -27.75 16.51
N PHE B 157 -22.18 -26.66 15.95
CA PHE B 157 -21.35 -25.63 15.28
C PHE B 157 -20.62 -24.75 16.29
N GLY B 158 -19.35 -24.44 16.00
CA GLY B 158 -18.62 -23.41 16.73
C GLY B 158 -18.80 -22.03 16.10
N ILE B 159 -18.22 -20.98 16.69
CA ILE B 159 -17.47 -21.02 17.95
C ILE B 159 -18.47 -20.74 19.07
N THR B 160 -18.77 -21.77 19.87
CA THR B 160 -19.95 -21.73 20.74
C THR B 160 -19.57 -21.89 22.21
N CYS B 161 -20.55 -21.63 23.07
CA CYS B 161 -20.37 -21.57 24.52
C CYS B 161 -19.57 -22.73 25.11
N GLU B 162 -19.90 -23.94 24.67
CA GLU B 162 -19.36 -25.15 25.28
C GLU B 162 -17.91 -25.42 24.92
N GLN B 163 -17.43 -24.81 23.84
CA GLN B 163 -16.01 -24.84 23.51
C GLN B 163 -15.14 -24.08 24.52
N CYS B 164 -15.65 -23.01 25.12
CA CYS B 164 -14.93 -22.26 26.16
C CYS B 164 -15.33 -22.62 27.61
N HIS B 165 -16.52 -23.19 27.78
CA HIS B 165 -17.07 -23.53 29.11
C HIS B 165 -17.30 -25.02 29.39
N GLY B 166 -17.03 -25.89 28.42
CA GLY B 166 -17.23 -27.33 28.56
C GLY B 166 -18.67 -27.71 28.25
N PRO B 167 -18.96 -29.03 28.17
CA PRO B 167 -20.31 -29.53 27.84
C PRO B 167 -21.37 -29.09 28.84
N GLY B 168 -22.59 -28.84 28.34
CA GLY B 168 -23.67 -28.24 29.12
C GLY B 168 -24.78 -29.14 29.68
N ALA B 169 -24.83 -30.40 29.22
CA ALA B 169 -25.94 -31.34 29.57
C ALA B 169 -26.29 -31.38 31.05
N LYS B 170 -25.32 -31.73 31.89
CA LYS B 170 -25.52 -31.79 33.34
C LYS B 170 -25.89 -30.43 33.95
N HIS B 171 -25.31 -29.35 33.42
CA HIS B 171 -25.55 -28.00 33.95
C HIS B 171 -26.96 -27.47 33.68
N ILE B 172 -27.49 -27.71 32.48
CA ILE B 172 -28.86 -27.25 32.17
C ILE B 172 -29.93 -27.94 33.05
N LYS B 173 -29.67 -29.18 33.45
CA LYS B 173 -30.52 -29.93 34.39
C LYS B 173 -30.45 -29.34 35.79
N ASN B 174 -29.23 -29.11 36.28
CA ASN B 174 -28.99 -28.67 37.66
C ASN B 174 -27.89 -27.58 37.68
N PRO B 175 -28.27 -26.31 37.40
CA PRO B 175 -27.30 -25.21 37.28
C PRO B 175 -26.43 -24.96 38.50
N GLN B 176 -27.04 -24.94 39.69
CA GLN B 176 -26.30 -24.67 40.93
C GLN B 176 -25.44 -25.86 41.36
N GLY B 177 -25.87 -27.06 41.00
CA GLY B 177 -25.19 -28.30 41.40
C GLY B 177 -24.10 -28.77 40.45
N GLU B 178 -24.29 -28.55 39.15
CA GLU B 178 -23.33 -28.95 38.13
C GLU B 178 -22.71 -27.69 37.47
N LYS B 179 -21.50 -27.35 37.93
CA LYS B 179 -20.83 -26.10 37.53
C LYS B 179 -20.21 -26.21 36.13
N MET B 180 -20.26 -25.10 35.39
CA MET B 180 -19.51 -24.95 34.14
C MET B 180 -18.14 -24.33 34.45
N VAL B 181 -17.23 -24.44 33.50
CA VAL B 181 -15.88 -23.87 33.62
C VAL B 181 -15.84 -22.41 33.12
N ILE B 182 -15.40 -21.50 33.98
CA ILE B 182 -14.90 -20.20 33.55
C ILE B 182 -13.37 -20.25 33.67
N SER B 183 -12.69 -20.08 32.54
CA SER B 183 -11.23 -20.04 32.54
C SER B 183 -10.75 -18.66 32.09
N TYR B 184 -9.89 -18.06 32.92
CA TYR B 184 -9.07 -16.93 32.52
C TYR B 184 -7.71 -17.38 31.94
N ASP B 185 -7.49 -18.68 31.83
CA ASP B 185 -6.23 -19.24 31.32
C ASP B 185 -6.12 -18.98 29.82
N ALA B 186 -4.94 -18.59 29.34
CA ALA B 186 -4.72 -18.40 27.90
C ALA B 186 -5.01 -19.65 27.06
N GLU B 187 -4.79 -20.82 27.64
CA GLU B 187 -5.13 -22.12 27.02
C GLU B 187 -6.58 -22.23 26.56
N ASN B 188 -7.51 -21.57 27.27
CA ASN B 188 -8.93 -21.53 26.88
C ASN B 188 -9.08 -20.98 25.45
N CYS B 189 -8.22 -20.03 25.07
CA CYS B 189 -8.14 -19.49 23.71
C CYS B 189 -7.10 -20.18 22.86
N GLY B 190 -5.99 -20.56 23.48
CA GLY B 190 -4.89 -21.28 22.80
C GLY B 190 -5.26 -22.61 22.14
N GLN B 191 -6.30 -23.28 22.65
CA GLN B 191 -6.82 -24.50 22.01
C GLN B 191 -7.19 -24.34 20.54
N CYS B 192 -7.56 -23.13 20.13
CA CYS B 192 -7.79 -22.83 18.72
C CYS B 192 -6.76 -21.85 18.16
N HIS B 193 -6.33 -20.87 18.94
CA HIS B 193 -5.47 -19.78 18.44
C HIS B 193 -3.99 -20.13 18.49
N SER B 194 -3.67 -21.25 17.85
CA SER B 194 -2.32 -21.79 17.80
C SER B 194 -2.18 -22.66 16.58
N ARG B 195 -0.95 -23.10 16.36
CA ARG B 195 -0.67 -24.21 15.47
C ARG B 195 0.13 -25.21 16.28
N GLY B 196 0.08 -26.46 15.86
CA GLY B 196 0.73 -27.54 16.59
C GLY B 196 0.26 -28.90 16.15
N ASP B 197 0.81 -29.91 16.82
CA ASP B 197 0.48 -31.31 16.58
C ASP B 197 -0.36 -31.87 17.72
N SER B 198 -1.32 -32.71 17.36
CA SER B 198 -2.06 -33.51 18.34
C SER B 198 -1.18 -34.59 18.99
N VAL B 199 -1.54 -35.03 20.19
CA VAL B 199 -0.94 -36.21 20.80
C VAL B 199 -1.46 -37.45 20.06
N ALA B 200 -2.75 -37.43 19.69
CA ALA B 200 -3.33 -38.49 18.86
C ALA B 200 -2.70 -38.45 17.47
N LYS B 201 -2.87 -39.54 16.72
CA LYS B 201 -2.40 -39.62 15.35
C LYS B 201 -3.49 -40.15 14.45
N THR B 202 -3.33 -39.91 13.15
CA THR B 202 -4.29 -40.35 12.13
C THR B 202 -4.11 -41.86 11.91
N PRO B 203 -5.03 -42.51 11.16
CA PRO B 203 -4.78 -43.91 10.77
C PRO B 203 -3.41 -44.14 10.11
N ASP B 204 -2.94 -43.14 9.36
CA ASP B 204 -1.63 -43.17 8.68
C ASP B 204 -0.42 -42.82 9.59
N GLY B 205 -0.66 -42.52 10.87
CA GLY B 205 0.41 -42.21 11.83
C GLY B 205 0.96 -40.79 11.85
N LYS B 206 0.23 -39.85 11.24
CA LYS B 206 0.60 -38.41 11.26
C LYS B 206 -0.23 -37.71 12.33
N PRO B 207 0.26 -36.57 12.86
CA PRO B 207 -0.57 -35.81 13.80
C PRO B 207 -1.68 -35.01 13.10
N PHE B 208 -2.74 -34.72 13.84
CA PHE B 208 -3.78 -33.78 13.42
C PHE B 208 -3.27 -32.37 13.68
N GLY B 209 -3.84 -31.39 12.97
CA GLY B 209 -3.49 -29.98 13.15
C GLY B 209 -4.24 -29.30 14.29
N TYR B 210 -5.19 -30.01 14.90
CA TYR B 210 -5.98 -29.51 16.03
C TYR B 210 -5.75 -30.36 17.28
N PRO B 211 -6.09 -29.83 18.48
CA PRO B 211 -5.94 -30.64 19.69
C PRO B 211 -6.78 -31.91 19.67
N TYR B 212 -6.16 -33.05 19.97
CA TYR B 212 -6.85 -34.35 19.96
C TYR B 212 -5.98 -35.40 20.67
N ASN B 213 -6.55 -36.10 21.66
CA ASN B 213 -5.90 -37.26 22.28
C ASN B 213 -6.83 -38.50 22.29
N ASP B 214 -6.48 -39.54 23.06
CA ASP B 214 -7.34 -40.72 23.30
C ASP B 214 -8.81 -40.37 23.55
N GLU B 215 -9.03 -39.38 24.40
CA GLU B 215 -10.39 -38.96 24.79
C GLU B 215 -11.07 -37.98 23.80
N GLY B 216 -10.38 -37.61 22.72
CA GLY B 216 -10.91 -36.68 21.71
C GLY B 216 -10.37 -35.26 21.89
N GLN B 217 -11.26 -34.28 21.69
CA GLN B 217 -10.87 -32.86 21.69
C GLN B 217 -10.46 -32.32 23.04
N TYR B 218 -9.83 -31.14 23.03
CA TYR B 218 -9.54 -30.40 24.26
C TYR B 218 -10.85 -29.98 24.90
N VAL B 219 -10.92 -30.10 26.23
CA VAL B 219 -12.08 -29.70 27.02
C VAL B 219 -11.61 -28.62 27.98
N PRO B 220 -12.36 -27.51 28.10
CA PRO B 220 -11.95 -26.49 29.08
C PRO B 220 -11.82 -27.05 30.48
N GLY B 221 -10.79 -26.61 31.19
CA GLY B 221 -10.47 -27.13 32.52
C GLY B 221 -9.35 -28.14 32.54
N LYS B 222 -9.05 -28.74 31.39
CA LYS B 222 -7.94 -29.68 31.26
C LYS B 222 -6.68 -28.97 30.82
N LYS B 223 -5.56 -29.69 30.80
CA LYS B 223 -4.28 -29.12 30.41
C LYS B 223 -4.06 -29.32 28.89
N LEU B 224 -3.85 -28.23 28.16
CA LEU B 224 -3.74 -28.26 26.69
C LEU B 224 -2.65 -29.21 26.20
N ALA B 225 -1.52 -29.25 26.92
CA ALA B 225 -0.37 -30.12 26.56
C ALA B 225 -0.70 -31.62 26.47
N ASP B 226 -1.75 -32.06 27.19
CA ASP B 226 -2.25 -33.44 27.09
C ASP B 226 -2.93 -33.74 25.77
N TYR B 227 -3.32 -32.72 25.01
CA TYR B 227 -3.97 -32.86 23.70
C TYR B 227 -3.18 -32.33 22.50
N TYR B 228 -2.22 -31.42 22.75
CA TYR B 228 -1.65 -30.57 21.69
C TYR B 228 -0.25 -30.09 22.07
N THR B 229 0.71 -30.29 21.16
CA THR B 229 2.05 -29.73 21.32
C THR B 229 2.12 -28.50 20.40
N VAL B 230 2.07 -27.31 20.99
CA VAL B 230 2.03 -26.07 20.20
C VAL B 230 3.39 -25.79 19.55
N VAL B 231 3.36 -25.19 18.36
CA VAL B 231 4.58 -24.77 17.67
C VAL B 231 5.30 -23.70 18.48
N SER B 232 6.59 -23.56 18.22
CA SER B 232 7.44 -22.61 18.94
C SER B 232 8.54 -22.13 18.03
N VAL B 233 9.24 -21.09 18.44
CA VAL B 233 10.41 -20.62 17.70
C VAL B 233 11.47 -21.74 17.63
N GLU B 234 11.72 -22.41 18.76
CA GLU B 234 12.69 -23.51 18.82
C GLU B 234 12.29 -24.70 17.94
N GLY B 235 11.02 -25.10 17.98
CA GLY B 235 10.51 -26.19 17.16
C GLY B 235 10.42 -25.90 15.66
N ASP B 236 10.37 -24.63 15.30
CA ASP B 236 10.29 -24.17 13.92
C ASP B 236 11.70 -24.02 13.36
N LYS B 237 12.34 -25.16 13.09
CA LYS B 237 13.77 -25.20 12.68
C LYS B 237 14.02 -24.41 11.41
N GLU B 238 13.09 -24.50 10.46
CA GLU B 238 13.25 -23.92 9.13
C GLU B 238 12.70 -22.50 8.95
N GLY B 239 12.28 -21.85 10.03
CA GLY B 239 11.76 -20.47 9.96
C GLY B 239 10.58 -20.29 9.02
N LYS B 240 9.64 -21.24 9.05
CA LYS B 240 8.43 -21.20 8.21
C LYS B 240 7.26 -20.52 8.93
N LEU B 241 7.29 -20.53 10.26
CA LEU B 241 6.22 -20.02 11.11
C LEU B 241 6.55 -18.71 11.81
N PHE B 242 7.79 -18.54 12.24
CA PHE B 242 8.25 -17.30 12.87
C PHE B 242 9.40 -16.68 12.09
N TRP B 243 9.44 -15.35 12.05
CA TRP B 243 10.57 -14.61 11.49
C TRP B 243 11.72 -14.73 12.50
N PRO B 244 12.96 -14.38 12.11
CA PRO B 244 14.09 -14.41 13.08
C PRO B 244 13.92 -13.50 14.30
N THR B 245 13.13 -12.44 14.17
CA THR B 245 12.74 -11.57 15.30
C THR B 245 11.82 -12.25 16.32
N LYS B 246 11.21 -13.36 15.90
CA LYS B 246 10.30 -14.23 16.69
C LYS B 246 8.83 -13.88 16.48
N HIS B 247 8.53 -12.81 15.71
CA HIS B 247 7.15 -12.47 15.34
C HIS B 247 6.60 -13.54 14.38
N ALA B 248 5.29 -13.73 14.40
CA ALA B 248 4.63 -14.70 13.54
C ALA B 248 4.81 -14.31 12.06
N LYS B 249 5.14 -15.32 11.26
CA LYS B 249 5.28 -15.22 9.80
C LYS B 249 4.04 -15.77 9.12
N ASN B 250 3.64 -16.97 9.51
CA ASN B 250 2.43 -17.61 8.99
C ASN B 250 1.18 -16.88 9.51
N SER B 251 0.38 -16.38 8.56
CA SER B 251 -0.88 -15.67 8.87
C SER B 251 -1.81 -16.45 9.81
N HIS B 252 -1.84 -17.77 9.66
CA HIS B 252 -2.81 -18.62 10.35
C HIS B 252 -2.55 -18.75 11.86
N HIS B 253 -3.31 -17.96 12.63
CA HIS B 253 -3.53 -18.15 14.08
C HIS B 253 -2.33 -18.60 14.94
N LEU B 254 -1.46 -17.65 15.27
CA LEU B 254 -0.31 -17.90 16.13
C LEU B 254 -0.26 -16.96 17.35
N GLN B 255 -1.42 -16.51 17.81
CA GLN B 255 -1.50 -15.53 18.90
C GLN B 255 -0.98 -16.11 20.23
N TYR B 256 -1.31 -17.38 20.48
CA TYR B 256 -0.94 -18.05 21.73
C TYR B 256 0.58 -18.34 21.79
N PRO B 257 1.15 -18.97 20.73
CA PRO B 257 2.60 -19.14 20.72
C PRO B 257 3.40 -17.85 20.84
N GLU B 258 2.89 -16.79 20.20
CA GLU B 258 3.47 -15.46 20.36
C GLU B 258 3.34 -14.97 21.80
N TRP B 259 2.12 -15.04 22.31
CA TRP B 259 1.79 -14.59 23.68
C TRP B 259 2.65 -15.25 24.76
N LEU B 260 2.95 -16.54 24.61
CA LEU B 260 3.84 -17.26 25.54
C LEU B 260 5.25 -16.66 25.65
N MET B 261 5.72 -16.02 24.59
CA MET B 261 7.05 -15.37 24.61
C MET B 261 7.05 -13.96 25.20
N THR B 262 5.90 -13.44 25.63
CA THR B 262 5.81 -12.05 26.11
C THR B 262 5.79 -11.97 27.62
N GLY B 263 6.17 -10.80 28.13
CA GLY B 263 6.11 -10.51 29.55
C GLY B 263 4.72 -10.60 30.15
N HIS B 264 3.69 -10.32 29.33
CA HIS B 264 2.30 -10.50 29.76
C HIS B 264 2.02 -11.89 30.32
N ALA B 265 2.59 -12.92 29.67
CA ALA B 265 2.45 -14.30 30.13
C ALA B 265 3.12 -14.57 31.47
N THR B 266 4.22 -13.87 31.74
CA THR B 266 4.96 -14.00 33.00
C THR B 266 4.69 -12.84 33.98
N ALA B 267 3.63 -12.06 33.77
CA ALA B 267 3.41 -10.82 34.53
C ALA B 267 3.24 -11.06 36.02
N LEU B 268 2.53 -12.13 36.37
CA LEU B 268 2.32 -12.49 37.78
C LEU B 268 3.56 -13.06 38.42
N GLU B 269 4.30 -13.91 37.71
CA GLU B 269 5.56 -14.49 38.21
C GLU B 269 6.59 -13.40 38.55
N THR B 270 6.72 -12.43 37.66
CA THR B 270 7.58 -11.26 37.87
C THR B 270 7.23 -10.52 39.16
N LEU B 271 5.94 -10.36 39.42
CA LEU B 271 5.45 -9.72 40.63
C LEU B 271 5.84 -10.53 41.88
N LYS B 272 5.66 -11.86 41.83
CA LYS B 272 5.97 -12.76 42.95
C LYS B 272 7.46 -12.74 43.31
N GLY B 273 8.32 -12.74 42.29
CA GLY B 273 9.77 -12.68 42.49
C GLY B 273 10.29 -11.41 43.14
N ASN B 274 9.53 -10.32 43.06
CA ASN B 274 9.90 -9.02 43.62
C ASN B 274 9.53 -8.90 45.11
N GLY B 275 10.37 -8.20 45.87
CA GLY B 275 10.17 -8.01 47.32
C GLY B 275 9.01 -7.12 47.72
N HIS B 276 8.72 -6.08 46.92
CA HIS B 276 7.70 -5.08 47.26
C HIS B 276 6.24 -5.46 46.87
N ALA B 277 5.99 -6.75 46.56
CA ALA B 277 4.70 -7.19 46.00
C ALA B 277 3.54 -7.11 47.00
N GLN B 278 2.42 -6.54 46.57
CA GLN B 278 1.21 -6.40 47.41
C GLN B 278 -0.04 -6.67 46.55
N ASP B 279 -1.21 -6.66 47.18
CA ASP B 279 -2.49 -6.88 46.49
C ASP B 279 -2.91 -5.73 45.57
N ARG B 280 -2.40 -4.53 45.83
CA ARG B 280 -2.64 -3.35 44.97
C ARG B 280 -2.14 -3.59 43.54
N CYS B 281 -0.98 -4.25 43.46
CA CYS B 281 -0.27 -4.52 42.22
C CYS B 281 -0.98 -5.45 41.25
N LEU B 282 -1.83 -6.34 41.75
CA LEU B 282 -2.40 -7.41 40.93
C LEU B 282 -3.30 -6.97 39.77
N LYS B 283 -3.86 -5.77 39.84
CA LYS B 283 -4.76 -5.26 38.80
C LYS B 283 -4.09 -5.22 37.42
N CYS B 284 -2.82 -4.86 37.37
CA CYS B 284 -2.05 -4.79 36.11
C CYS B 284 -1.25 -6.07 35.81
N HIS B 285 -1.08 -6.93 36.81
CA HIS B 285 -0.21 -8.11 36.68
C HIS B 285 -0.92 -9.44 36.58
N SER B 286 -2.23 -9.49 36.88
CA SER B 286 -2.97 -10.76 36.93
C SER B 286 -4.39 -10.66 36.40
N ALA B 287 -4.79 -11.67 35.62
CA ALA B 287 -6.12 -11.72 35.05
C ALA B 287 -7.24 -11.78 36.11
N GLU B 288 -7.02 -12.56 37.17
CA GLU B 288 -8.04 -12.78 38.21
C GLU B 288 -8.39 -11.47 38.88
N ALA B 289 -7.34 -10.70 39.21
CA ALA B 289 -7.51 -9.38 39.78
C ALA B 289 -8.10 -8.40 38.78
N TYR B 290 -7.56 -8.36 37.56
CA TYR B 290 -8.07 -7.47 36.53
C TYR B 290 -9.56 -7.68 36.29
N LEU B 291 -9.95 -8.95 36.21
CA LEU B 291 -11.33 -9.32 35.89
C LEU B 291 -12.24 -9.56 37.11
N ALA B 292 -11.73 -9.30 38.32
CA ALA B 292 -12.51 -9.38 39.56
C ALA B 292 -13.63 -8.33 39.52
N LYS B 293 -14.88 -8.78 39.70
CA LYS B 293 -16.06 -7.89 39.72
C LYS B 293 -16.05 -6.97 40.95
N GLU B 294 -16.86 -5.91 40.88
CA GLU B 294 -16.70 -4.68 41.71
C GLU B 294 -16.27 -4.80 43.18
N GLY B 295 -16.87 -5.71 43.97
CA GLY B 295 -16.54 -5.89 45.38
C GLY B 295 -15.41 -6.86 45.70
N THR B 296 -15.21 -7.87 44.85
CA THR B 296 -14.32 -8.99 45.13
C THR B 296 -12.87 -8.57 45.40
N THR B 297 -12.22 -9.30 46.30
CA THR B 297 -10.79 -9.17 46.59
C THR B 297 -10.07 -10.34 45.94
N VAL B 298 -8.88 -10.06 45.41
CA VAL B 298 -7.95 -11.08 44.96
C VAL B 298 -6.62 -10.81 45.67
N THR B 299 -5.99 -11.87 46.15
CA THR B 299 -4.80 -11.77 46.99
C THR B 299 -3.67 -12.50 46.29
N MET B 300 -2.43 -12.10 46.61
CA MET B 300 -1.22 -12.72 46.04
C MET B 300 -1.22 -14.24 46.01
N ASN B 301 -1.84 -14.86 47.01
CA ASN B 301 -1.89 -16.33 47.12
C ASN B 301 -2.93 -16.97 46.20
N ASP B 302 -4.06 -16.28 45.96
CA ASP B 302 -5.13 -16.78 45.09
C ASP B 302 -4.87 -16.62 43.59
N ALA B 303 -4.23 -15.52 43.20
CA ALA B 303 -3.88 -15.25 41.80
C ALA B 303 -2.83 -16.21 41.22
N LYS B 304 -3.13 -16.79 40.06
CA LYS B 304 -2.28 -17.77 39.36
C LYS B 304 -1.79 -17.34 37.97
N LEU B 305 -2.52 -16.43 37.31
CA LEU B 305 -2.35 -16.14 35.88
C LEU B 305 -1.85 -14.72 35.64
N GLY B 306 -1.10 -14.54 34.55
CA GLY B 306 -0.62 -13.24 34.13
C GLY B 306 -1.64 -12.48 33.30
N VAL B 307 -1.17 -11.67 32.35
CA VAL B 307 -2.05 -10.87 31.49
C VAL B 307 -2.45 -11.67 30.25
N THR B 308 -3.54 -12.43 30.40
CA THR B 308 -3.98 -13.38 29.39
C THR B 308 -4.88 -12.72 28.36
N CYS B 309 -5.23 -13.48 27.32
CA CYS B 309 -6.15 -13.07 26.27
C CYS B 309 -7.42 -12.41 26.80
N GLN B 310 -7.93 -12.97 27.90
CA GLN B 310 -9.21 -12.57 28.47
C GLN B 310 -9.15 -11.17 29.12
N VAL B 311 -7.96 -10.71 29.49
CA VAL B 311 -7.78 -9.34 29.99
C VAL B 311 -8.10 -8.31 28.90
N CYS B 312 -7.60 -8.54 27.68
CA CYS B 312 -7.75 -7.59 26.59
C CYS B 312 -9.01 -7.85 25.77
N HIS B 313 -9.42 -9.13 25.65
CA HIS B 313 -10.55 -9.54 24.83
C HIS B 313 -11.72 -10.05 25.67
N ALA B 314 -12.91 -9.56 25.32
CA ALA B 314 -14.17 -9.92 25.97
C ALA B 314 -14.93 -10.84 25.06
N SER B 315 -15.25 -12.03 25.54
CA SER B 315 -15.92 -13.04 24.73
C SER B 315 -17.39 -12.71 24.42
N HIS B 316 -18.04 -11.91 25.27
CA HIS B 316 -19.42 -11.48 25.01
C HIS B 316 -19.80 -10.33 25.94
N ASP B 317 -19.59 -9.12 25.44
CA ASP B 317 -19.84 -7.91 26.18
C ASP B 317 -20.25 -6.87 25.16
N PRO B 318 -21.45 -6.27 25.29
CA PRO B 318 -21.87 -5.23 24.33
C PRO B 318 -20.99 -3.96 24.34
N ALA B 319 -20.30 -3.69 25.45
CA ALA B 319 -19.37 -2.56 25.55
C ALA B 319 -18.03 -2.77 24.78
N ALA B 320 -17.71 -4.02 24.41
CA ALA B 320 -16.47 -4.30 23.66
C ALA B 320 -16.55 -3.74 22.25
N THR B 321 -15.39 -3.53 21.64
CA THR B 321 -15.32 -3.08 20.24
C THR B 321 -15.82 -4.19 19.32
N LYS B 322 -16.38 -3.80 18.18
CA LYS B 322 -16.98 -4.77 17.26
C LYS B 322 -15.92 -5.67 16.65
N GLU B 323 -14.81 -5.05 16.22
CA GLU B 323 -13.67 -5.80 15.70
C GLU B 323 -12.73 -6.18 16.85
N ALA B 324 -12.41 -7.47 16.92
CA ALA B 324 -11.45 -8.02 17.89
C ALA B 324 -11.91 -8.03 19.36
N PHE B 325 -13.19 -7.76 19.62
CA PHE B 325 -13.80 -7.70 20.97
C PHE B 325 -12.89 -7.10 22.06
N LEU B 326 -12.32 -5.93 21.80
CA LEU B 326 -11.46 -5.34 22.82
C LEU B 326 -12.32 -4.79 23.94
N ARG B 327 -11.89 -5.03 25.19
CA ARG B 327 -12.56 -4.51 26.39
C ARG B 327 -12.54 -3.00 26.49
N LYS B 328 -11.50 -2.39 25.96
CA LYS B 328 -11.38 -0.93 25.89
C LYS B 328 -11.01 -0.58 24.44
N PRO B 329 -11.21 0.69 24.05
CA PRO B 329 -10.79 1.13 22.70
C PRO B 329 -9.30 0.90 22.45
N LYS B 330 -8.89 0.70 21.20
CA LYS B 330 -7.45 0.57 20.86
C LYS B 330 -6.56 1.65 21.48
N THR B 331 -7.09 2.88 21.63
CA THR B 331 -6.34 3.98 22.25
C THR B 331 -6.05 3.78 23.73
N GLU B 332 -6.89 2.99 24.43
CA GLU B 332 -6.76 2.77 25.89
C GLU B 332 -6.30 1.37 26.31
N ILE B 333 -6.32 0.42 25.38
CA ILE B 333 -6.13 -0.98 25.70
C ILE B 333 -4.74 -1.25 26.31
N CYS B 334 -3.74 -0.44 25.94
CA CYS B 334 -2.38 -0.54 26.50
C CYS B 334 -2.13 0.47 27.63
N THR B 335 -2.57 1.71 27.41
CA THR B 335 -2.36 2.75 28.43
C THR B 335 -3.04 2.49 29.77
N GLN B 336 -4.11 1.70 29.80
CA GLN B 336 -4.77 1.32 31.06
C GLN B 336 -3.79 0.76 32.09
N CYS B 337 -2.80 -0.01 31.64
CA CYS B 337 -1.76 -0.54 32.51
C CYS B 337 -0.44 0.19 32.36
N HIS B 338 -0.10 0.62 31.15
CA HIS B 338 1.20 1.25 30.87
C HIS B 338 1.14 2.75 31.11
N ASN B 339 1.00 3.08 32.39
CA ASN B 339 0.97 4.47 32.87
C ASN B 339 1.66 4.50 34.23
N ALA B 340 2.00 5.71 34.68
CA ALA B 340 2.64 5.90 35.98
C ALA B 340 1.76 6.76 36.87
N GLU B 341 0.45 6.66 36.68
CA GLU B 341 -0.49 7.72 37.11
C GLU B 341 -0.31 8.16 38.56
N GLY B 342 -0.14 7.21 39.47
CA GLY B 342 0.08 7.52 40.87
C GLY B 342 1.45 8.00 41.31
N GLY B 343 2.44 8.05 40.40
CA GLY B 343 3.84 8.18 40.80
C GLY B 343 4.76 9.15 40.06
N ILE B 344 4.21 10.21 39.46
CA ILE B 344 5.03 11.31 38.93
C ILE B 344 5.07 12.45 39.96
N VAL B 345 6.02 12.36 40.87
CA VAL B 345 6.28 13.39 41.87
C VAL B 345 7.79 13.59 42.03
N ALA B 346 8.20 14.86 42.03
CA ALA B 346 9.59 15.26 42.22
C ALA B 346 10.19 14.56 43.44
N GLY B 347 11.31 13.87 43.22
CA GLY B 347 11.96 13.08 44.28
C GLY B 347 11.71 11.59 44.21
N LYS B 348 10.59 11.18 43.60
CA LYS B 348 10.31 9.76 43.39
C LYS B 348 10.67 9.32 41.98
N GLU B 349 11.22 8.10 41.87
CA GLU B 349 11.49 7.49 40.58
C GLU B 349 10.19 6.97 39.96
N VAL B 350 10.07 7.12 38.64
CA VAL B 350 8.86 6.80 37.89
C VAL B 350 8.98 5.39 37.32
N HIS B 351 7.85 4.70 37.22
CA HIS B 351 7.77 3.37 36.63
C HIS B 351 6.84 3.41 35.42
N HIS B 352 7.33 2.95 34.28
CA HIS B 352 6.58 2.83 33.03
C HIS B 352 5.57 3.95 32.69
N PRO B 353 6.07 5.16 32.44
CA PRO B 353 5.21 6.30 32.11
C PRO B 353 4.90 6.38 30.61
N HIS B 354 4.47 5.25 30.04
CA HIS B 354 4.37 5.13 28.59
C HIS B 354 3.26 5.98 28.02
N LYS B 355 2.10 5.91 28.66
CA LYS B 355 0.97 6.77 28.33
C LYS B 355 1.40 8.24 28.36
N GLU B 356 1.97 8.64 29.48
CA GLU B 356 2.32 10.04 29.75
C GLU B 356 3.38 10.58 28.78
N MET B 357 4.41 9.78 28.53
CA MET B 357 5.47 10.15 27.60
C MET B 357 4.95 10.43 26.19
N ASN B 358 4.18 9.49 25.65
CA ASN B 358 3.61 9.61 24.30
C ASN B 358 2.65 10.80 24.17
N GLU B 359 1.72 10.93 25.13
CA GLU B 359 0.75 12.04 25.10
C GLU B 359 1.35 13.36 25.62
N GLY B 360 2.52 13.30 26.24
CA GLY B 360 3.22 14.50 26.71
C GLY B 360 2.64 15.18 27.94
N LYS B 361 1.83 14.46 28.71
CA LYS B 361 1.22 14.98 29.94
C LYS B 361 1.96 14.40 31.13
N ILE B 362 2.99 15.12 31.60
CA ILE B 362 3.80 14.66 32.73
C ILE B 362 3.67 15.52 33.99
N GLY B 363 2.86 16.58 33.93
CA GLY B 363 2.79 17.55 35.03
C GLY B 363 4.13 18.24 35.28
N LEU B 364 4.50 18.38 36.56
CA LEU B 364 5.77 18.97 36.99
C LEU B 364 6.03 20.37 36.38
N GLY B 365 4.95 21.13 36.16
CA GLY B 365 5.03 22.45 35.58
C GLY B 365 5.29 22.56 34.08
N PHE B 366 5.54 21.44 33.40
CA PHE B 366 5.75 21.46 31.94
C PHE B 366 4.38 21.53 31.27
N PRO B 367 4.23 22.37 30.23
CA PRO B 367 2.97 22.28 29.48
C PRO B 367 2.92 20.99 28.64
N ASP B 368 1.73 20.69 28.13
CA ASP B 368 1.50 19.49 27.33
C ASP B 368 2.31 19.53 26.04
N SER B 369 3.16 18.53 25.82
CA SER B 369 3.91 18.40 24.57
C SER B 369 3.76 16.98 24.02
N PRO B 370 2.58 16.66 23.45
CA PRO B 370 2.43 15.37 22.77
C PRO B 370 3.35 15.25 21.57
N SER B 371 3.83 14.04 21.32
CA SER B 371 4.70 13.79 20.17
C SER B 371 3.92 14.07 18.89
N VAL B 372 4.62 14.23 17.77
CA VAL B 372 3.99 14.44 16.47
C VAL B 372 3.05 13.27 16.15
N MET B 373 3.55 12.05 16.34
CA MET B 373 2.76 10.84 16.04
C MET B 373 1.56 10.68 16.97
N TYR B 374 1.69 11.06 18.23
CA TYR B 374 0.53 11.06 19.12
C TYR B 374 -0.56 11.98 18.58
N LYS B 375 -0.19 13.20 18.20
CA LYS B 375 -1.14 14.17 17.61
C LYS B 375 -1.73 13.70 16.28
N ALA B 376 -0.95 12.91 15.53
CA ALA B 376 -1.43 12.31 14.28
C ALA B 376 -2.20 10.99 14.42
N GLY B 377 -2.55 10.59 15.64
CA GLY B 377 -3.39 9.43 15.89
C GLY B 377 -2.68 8.09 15.98
N VAL B 378 -1.35 8.08 16.02
CA VAL B 378 -0.61 6.83 16.19
C VAL B 378 -0.71 6.41 17.65
N THR B 379 -0.82 5.11 17.88
CA THR B 379 -1.00 4.56 19.23
C THR B 379 -0.14 3.31 19.42
N CYS B 380 -0.01 2.85 20.68
CA CYS B 380 0.89 1.73 21.06
C CYS B 380 0.75 0.51 20.14
N VAL B 381 -0.50 0.18 19.84
CA VAL B 381 -0.84 -0.98 19.02
C VAL B 381 -0.14 -0.94 17.67
N ASP B 382 -0.07 0.24 17.06
CA ASP B 382 0.50 0.40 15.71
C ASP B 382 1.98 0.05 15.63
N CYS B 383 2.76 0.46 16.62
CA CYS B 383 4.20 0.19 16.61
C CYS B 383 4.50 -1.16 17.21
N HIS B 384 3.79 -1.54 18.28
CA HIS B 384 4.10 -2.75 19.03
C HIS B 384 3.37 -4.02 18.60
N MET B 385 2.35 -3.89 17.74
CA MET B 385 1.69 -5.05 17.17
C MET B 385 1.71 -4.97 15.66
N PRO B 386 2.94 -4.90 15.07
CA PRO B 386 3.04 -4.75 13.61
C PRO B 386 2.48 -5.96 12.88
N LYS B 387 1.91 -5.73 11.70
CA LYS B 387 1.28 -6.80 10.94
C LYS B 387 2.35 -7.61 10.19
N THR B 388 3.03 -8.46 10.93
CA THR B 388 4.12 -9.28 10.43
C THR B 388 3.67 -10.55 9.71
N ALA B 389 2.42 -10.95 9.92
CA ALA B 389 1.85 -12.16 9.29
C ALA B 389 0.58 -11.79 8.53
N GLY B 390 0.75 -11.37 7.28
CA GLY B 390 -0.37 -10.94 6.45
C GLY B 390 -1.13 -9.81 7.10
N PRO B 391 -2.47 -9.89 7.19
CA PRO B 391 -3.24 -8.83 7.82
C PRO B 391 -3.33 -8.89 9.35
N LYS B 392 -2.65 -9.86 9.99
CA LYS B 392 -2.79 -10.10 11.44
C LYS B 392 -1.76 -9.32 12.26
N ALA B 393 -2.24 -8.69 13.34
CA ALA B 393 -1.38 -7.95 14.26
C ALA B 393 -0.62 -8.92 15.17
N SER B 394 0.70 -8.75 15.22
CA SER B 394 1.56 -9.60 16.02
C SER B 394 1.31 -9.37 17.51
N HIS B 395 1.16 -10.47 18.23
CA HIS B 395 1.00 -10.45 19.68
C HIS B 395 2.31 -10.60 20.46
N LEU B 396 3.45 -10.49 19.79
CA LEU B 396 4.73 -10.46 20.48
C LEU B 396 4.95 -9.13 21.25
N MET B 397 4.18 -8.08 20.91
CA MET B 397 4.23 -6.77 21.58
C MET B 397 5.55 -6.01 21.37
N LYS B 398 6.40 -6.53 20.49
CA LYS B 398 7.74 -6.05 20.27
C LYS B 398 7.80 -5.34 18.93
N VAL B 399 8.46 -4.18 18.90
CA VAL B 399 8.66 -3.44 17.65
C VAL B 399 9.56 -4.26 16.71
N VAL B 400 9.23 -4.20 15.43
CA VAL B 400 10.12 -4.67 14.38
C VAL B 400 10.85 -3.43 13.88
N MET B 401 12.15 -3.36 14.16
CA MET B 401 12.99 -2.27 13.65
C MET B 401 13.07 -2.34 12.13
N PRO B 402 13.05 -1.20 11.43
CA PRO B 402 13.18 -1.24 9.96
C PRO B 402 14.41 -1.97 9.41
N LYS B 403 15.52 -1.97 10.14
CA LYS B 403 16.70 -2.74 9.69
C LYS B 403 16.38 -4.23 9.54
N ASP B 404 15.63 -4.77 10.52
CA ASP B 404 15.18 -6.16 10.47
C ASP B 404 14.10 -6.38 9.42
N GLY B 405 13.31 -5.35 9.16
CA GLY B 405 12.40 -5.34 8.00
C GLY B 405 13.13 -5.54 6.69
N LYS B 406 14.25 -4.84 6.54
CA LYS B 406 15.11 -4.94 5.35
C LYS B 406 15.88 -6.25 5.31
N ALA B 407 16.55 -6.57 6.41
CA ALA B 407 17.40 -7.77 6.51
C ALA B 407 16.65 -9.09 6.29
N ASN B 408 15.38 -9.15 6.66
CA ASN B 408 14.59 -10.39 6.57
C ASN B 408 13.47 -10.37 5.52
N GLY B 409 13.26 -9.23 4.88
CA GLY B 409 12.16 -9.08 3.91
C GLY B 409 10.78 -9.14 4.56
N MET B 410 10.69 -8.64 5.79
CA MET B 410 9.47 -8.72 6.59
C MET B 410 8.87 -7.33 6.78
N PRO B 411 7.55 -7.26 7.01
CA PRO B 411 6.95 -5.97 7.40
C PRO B 411 7.56 -5.50 8.73
N ASP B 412 7.60 -4.18 8.93
CA ASP B 412 8.17 -3.61 10.15
C ASP B 412 7.23 -2.58 10.77
N SER B 413 7.61 -2.09 11.94
CA SER B 413 6.78 -1.16 12.71
C SER B 413 6.59 0.23 12.08
N CYS B 414 7.42 0.61 11.11
CA CYS B 414 7.41 1.97 10.55
C CYS B 414 6.98 2.10 9.06
N SER B 415 7.41 1.15 8.23
CA SER B 415 7.26 1.25 6.77
C SER B 415 5.84 1.20 6.24
N SER B 416 4.91 0.59 6.97
CA SER B 416 3.51 0.53 6.52
C SER B 416 2.84 1.89 6.55
N CYS B 417 3.16 2.70 7.55
CA CYS B 417 2.66 4.08 7.61
C CYS B 417 3.55 5.05 6.81
N HIS B 418 4.84 4.70 6.67
CA HIS B 418 5.80 5.51 5.91
C HIS B 418 6.39 4.76 4.69
N PRO B 419 5.55 4.37 3.72
CA PRO B 419 6.07 3.69 2.52
C PRO B 419 6.93 4.61 1.61
N GLY B 420 6.74 5.94 1.70
CA GLY B 420 7.63 6.90 1.03
C GLY B 420 9.07 6.87 1.51
N ALA B 421 9.29 6.55 2.79
CA ALA B 421 10.63 6.49 3.35
C ALA B 421 11.22 5.12 3.14
N SER B 422 12.53 5.07 2.94
CA SER B 422 13.25 3.81 2.85
C SER B 422 13.43 3.27 4.27
N GLN B 423 13.74 1.98 4.35
CA GLN B 423 14.00 1.33 5.64
C GLN B 423 15.27 1.85 6.30
N ASP B 424 16.25 2.22 5.49
CA ASP B 424 17.48 2.82 6.00
C ASP B 424 17.24 4.23 6.52
N TYR B 425 16.40 5.00 5.84
CA TYR B 425 15.99 6.33 6.31
C TYR B 425 15.28 6.23 7.67
N LEU B 426 14.31 5.33 7.75
CA LEU B 426 13.53 5.13 8.98
C LEU B 426 14.38 4.60 10.13
N GLN B 427 15.29 3.67 9.84
CA GLN B 427 16.23 3.20 10.88
C GLN B 427 17.16 4.33 11.37
N ASN B 428 17.56 5.21 10.46
CA ASN B 428 18.42 6.34 10.81
C ASN B 428 17.71 7.36 11.72
N VAL B 429 16.41 7.57 11.50
CA VAL B 429 15.59 8.36 12.41
C VAL B 429 15.63 7.79 13.84
N ILE B 430 15.44 6.47 13.95
CA ILE B 430 15.43 5.78 15.24
C ILE B 430 16.80 5.85 15.94
N ASP B 431 17.86 5.59 15.18
CA ASP B 431 19.22 5.56 15.73
C ASP B 431 19.72 6.95 16.12
N THR B 432 19.34 7.97 15.35
CA THR B 432 19.67 9.37 15.68
C THR B 432 19.03 9.77 17.02
N TRP B 433 17.71 9.58 17.10
CA TRP B 433 16.96 9.78 18.35
C TRP B 433 17.55 9.00 19.52
N GLN B 434 17.69 7.68 19.34
CA GLN B 434 18.13 6.82 20.44
C GLN B 434 19.57 7.06 20.91
N ASN B 435 20.49 7.29 19.97
CA ASN B 435 21.90 7.56 20.33
C ASN B 435 22.03 8.85 21.11
N ASP B 436 21.31 9.88 20.68
CA ASP B 436 21.27 11.14 21.42
C ASP B 436 20.76 10.91 22.85
N ILE B 437 19.60 10.27 22.98
CA ILE B 437 18.95 10.09 24.28
C ILE B 437 19.74 9.13 25.19
N LYS B 438 20.28 8.03 24.63
CA LYS B 438 21.16 7.10 25.39
C LYS B 438 22.38 7.80 26.00
N GLY B 439 22.94 8.73 25.23
CA GLY B 439 24.09 9.52 25.67
C GLY B 439 23.74 10.42 26.84
N ARG B 440 22.71 11.25 26.66
CA ARG B 440 22.23 12.13 27.74
C ARG B 440 21.84 11.36 29.00
N LEU B 441 21.23 10.19 28.83
CA LEU B 441 20.87 9.33 29.96
C LEU B 441 22.10 8.82 30.71
N ALA B 442 23.16 8.50 29.97
CA ALA B 442 24.43 8.09 30.58
C ALA B 442 25.10 9.22 31.37
N LYS B 443 25.08 10.45 30.82
CA LYS B 443 25.62 11.64 31.52
C LYS B 443 24.85 11.94 32.80
N VAL B 444 23.54 12.08 32.67
CA VAL B 444 22.69 12.45 33.79
C VAL B 444 22.69 11.39 34.88
N LYS B 445 22.74 10.10 34.52
CA LYS B 445 22.86 9.03 35.53
C LYS B 445 24.18 9.12 36.31
N ALA B 446 25.28 9.34 35.59
CA ALA B 446 26.61 9.52 36.20
C ALA B 446 26.68 10.77 37.08
N LYS B 447 26.04 11.86 36.65
CA LYS B 447 25.93 13.08 37.46
C LYS B 447 25.05 12.89 38.70
N LEU B 448 23.95 12.13 38.56
CA LEU B 448 23.08 11.82 39.70
C LEU B 448 23.76 10.91 40.74
N ASP B 449 24.55 9.94 40.27
CA ASP B 449 25.36 9.09 41.16
C ASP B 449 26.47 9.91 41.85
N ALA B 450 27.15 10.76 41.08
CA ALA B 450 28.26 11.61 41.59
C ALA B 450 27.81 12.55 42.71
N LYS B 451 26.68 13.22 42.52
CA LYS B 451 26.14 14.16 43.50
C LYS B 451 25.09 13.53 44.44
N LYS B 452 25.30 12.26 44.82
CA LYS B 452 24.39 11.53 45.71
C LYS B 452 24.20 12.22 47.06
N ALA B 453 25.26 12.90 47.54
CA ALA B 453 25.23 13.63 48.82
C ALA B 453 24.21 14.79 48.86
N ALA B 454 23.91 15.38 47.69
CA ALA B 454 22.92 16.47 47.58
C ALA B 454 21.48 15.98 47.33
N ALA B 455 21.20 14.70 47.60
CA ALA B 455 19.90 14.06 47.30
C ALA B 455 18.67 14.74 47.95
N ASN B 456 18.87 15.33 49.13
CA ASN B 456 17.76 15.99 49.86
C ASN B 456 17.29 17.32 49.25
N SER B 457 18.09 17.93 48.37
CA SER B 457 17.73 19.22 47.75
C SER B 457 16.60 19.08 46.73
N GLN B 458 15.85 20.16 46.55
CA GLN B 458 14.70 20.20 45.63
C GLN B 458 15.13 20.10 44.16
N ALA B 459 16.25 20.73 43.84
CA ALA B 459 16.81 20.69 42.48
C ALA B 459 17.17 19.27 42.04
N TYR B 460 17.87 18.56 42.91
CA TYR B 460 18.28 17.17 42.65
C TYR B 460 17.08 16.25 42.49
N LYS B 461 16.13 16.37 43.43
CA LYS B 461 14.87 15.60 43.40
C LYS B 461 14.13 15.72 42.07
N GLU B 462 14.01 16.96 41.57
CA GLU B 462 13.38 17.24 40.27
C GLU B 462 14.17 16.62 39.10
N ALA B 463 15.50 16.75 39.14
CA ALA B 463 16.37 16.13 38.12
C ALA B 463 16.31 14.60 38.13
N LEU B 464 16.21 14.00 39.32
CA LEU B 464 16.06 12.54 39.45
C LEU B 464 14.77 12.05 38.77
N THR B 465 13.69 12.79 38.98
CA THR B 465 12.39 12.45 38.40
C THR B 465 12.37 12.68 36.88
N TYR B 466 12.96 13.78 36.41
CA TYR B 466 13.02 14.05 34.96
C TYR B 466 13.77 12.94 34.25
N TYR B 467 14.96 12.62 34.76
CA TYR B 467 15.76 11.48 34.30
C TYR B 467 14.98 10.17 34.30
N SER B 468 14.21 9.94 35.36
CA SER B 468 13.52 8.66 35.54
C SER B 468 12.36 8.46 34.57
N ILE B 469 11.67 9.55 34.22
CA ILE B 469 10.61 9.50 33.20
C ILE B 469 11.17 8.93 31.90
N VAL B 470 12.27 9.53 31.43
CA VAL B 470 12.86 9.20 30.14
C VAL B 470 13.46 7.80 30.17
N ALA B 471 14.14 7.45 31.26
CA ALA B 471 14.78 6.14 31.40
C ALA B 471 13.77 5.01 31.54
N ALA B 472 12.84 5.17 32.47
CA ALA B 472 11.84 4.13 32.74
C ALA B 472 10.86 3.93 31.57
N ASP B 473 10.62 4.99 30.80
CA ASP B 473 9.87 4.91 29.55
C ASP B 473 10.43 3.82 28.64
N GLY B 474 11.76 3.73 28.59
CA GLY B 474 12.43 2.62 27.93
C GLY B 474 12.50 2.68 26.42
N SER B 475 11.98 3.75 25.80
CA SER B 475 12.04 3.87 24.34
C SER B 475 13.25 4.66 23.87
N ASN B 476 14.08 5.15 24.80
CA ASN B 476 15.20 6.05 24.46
C ASN B 476 14.78 7.16 23.49
N GLY B 477 13.65 7.80 23.79
CA GLY B 477 13.20 8.96 23.05
C GLY B 477 12.21 8.74 21.92
N VAL B 478 12.03 7.51 21.46
CA VAL B 478 11.19 7.26 20.27
C VAL B 478 9.72 7.64 20.55
N HIS B 479 9.28 7.42 21.78
CA HIS B 479 7.92 7.75 22.17
C HIS B 479 7.60 9.22 22.08
N ASN B 480 8.59 10.06 22.36
CA ASN B 480 8.43 11.52 22.28
C ASN B 480 9.81 12.20 22.39
N TYR B 481 10.49 12.32 21.26
CA TYR B 481 11.89 12.77 21.23
C TYR B 481 12.11 14.13 21.87
N ASP B 482 11.29 15.11 21.47
CA ASP B 482 11.47 16.49 21.95
C ASP B 482 11.27 16.60 23.48
N LEU B 483 10.30 15.88 24.02
CA LEU B 483 10.07 15.85 25.45
C LEU B 483 11.23 15.21 26.19
N ALA B 484 11.78 14.12 25.65
CA ALA B 484 12.96 13.45 26.22
C ALA B 484 14.15 14.39 26.34
N VAL B 485 14.39 15.16 25.28
CA VAL B 485 15.46 16.15 25.23
C VAL B 485 15.19 17.27 26.24
N LYS B 486 13.99 17.83 26.17
CA LYS B 486 13.54 18.87 27.11
C LYS B 486 13.73 18.45 28.59
N LEU B 487 13.36 17.21 28.90
CA LEU B 487 13.50 16.68 30.26
C LEU B 487 14.95 16.49 30.69
N LEU B 488 15.77 15.89 29.84
CA LEU B 488 17.18 15.64 30.18
C LEU B 488 18.05 16.91 30.08
N THR B 489 17.64 17.88 29.26
CA THR B 489 18.22 19.22 29.29
C THR B 489 17.89 19.90 30.63
N ALA B 490 16.61 19.91 30.99
CA ALA B 490 16.16 20.45 32.29
C ALA B 490 16.79 19.73 33.48
N ALA B 491 17.03 18.42 33.35
CA ALA B 491 17.72 17.66 34.40
C ALA B 491 19.15 18.16 34.62
N GLU B 492 19.87 18.46 33.54
CA GLU B 492 21.24 18.96 33.62
C GLU B 492 21.34 20.41 34.10
N GLN B 493 20.38 21.25 33.73
CA GLN B 493 20.28 22.61 34.27
C GLN B 493 20.07 22.59 35.79
N LYS B 494 19.18 21.71 36.26
CA LYS B 494 18.94 21.52 37.70
C LYS B 494 20.16 20.97 38.44
N LEU B 495 20.99 20.18 37.76
CA LEU B 495 22.20 19.61 38.36
C LEU B 495 23.44 20.52 38.39
N GLN B 496 23.28 21.80 38.00
CA GLN B 496 24.26 22.85 38.31
C GLN B 496 23.55 24.17 38.65
MG MG C . 6.09 11.84 8.01
CL CL D . 13.38 18.24 -5.46
O6 BU3 E . 6.81 -6.12 -32.16
C3 BU3 E . 8.20 -5.78 -32.08
C4 BU3 E . 8.43 -4.49 -32.87
C2 BU3 E . 9.12 -6.91 -32.56
O5 BU3 E . 8.47 -7.72 -33.54
C1 BU3 E . 9.58 -7.83 -31.42
FE HEC F . 17.62 5.92 -43.01
CHA HEC F . 18.42 9.25 -42.79
CHB HEC F . 15.05 6.37 -40.80
CHC HEC F . 16.53 2.73 -43.68
CHD HEC F . 20.45 5.39 -44.85
NA HEC F . 16.88 7.49 -41.96
C1A HEC F . 17.34 8.78 -42.07
C2A HEC F . 16.56 9.58 -41.21
C3A HEC F . 15.61 8.78 -40.63
C4A HEC F . 15.81 7.47 -41.12
CMA HEC F . 14.52 9.19 -39.66
CAA HEC F . 16.71 11.07 -40.96
CBA HEC F . 15.72 11.88 -41.78
CGA HEC F . 16.19 11.95 -43.21
O1A HEC F . 17.13 12.74 -43.51
O2A HEC F . 15.65 11.23 -44.08
NB HEC F . 16.06 4.73 -42.36
C1B HEC F . 15.15 5.11 -41.45
C2B HEC F . 14.22 4.06 -41.25
C3B HEC F . 14.60 2.99 -42.04
C4B HEC F . 15.80 3.49 -42.77
CMB HEC F . 13.05 4.08 -40.30
CAB HEC F . 13.95 1.67 -42.25
CBB HEC F . 12.54 1.29 -41.85
NC HEC F . 18.35 4.31 -44.07
C1C HEC F . 17.73 3.11 -44.26
C2C HEC F . 18.57 2.31 -45.07
C3C HEC F . 19.69 3.06 -45.40
C4C HEC F . 19.54 4.34 -44.76
CMC HEC F . 18.27 0.88 -45.50
CAC HEC F . 20.87 2.67 -46.22
CBC HEC F . 21.08 1.35 -46.92
ND HEC F . 19.18 7.14 -43.70
C1D HEC F . 20.23 6.71 -44.40
C2D HEC F . 21.10 7.86 -44.70
C3D HEC F . 20.53 8.96 -44.12
C4D HEC F . 19.29 8.45 -43.50
CMD HEC F . 22.38 7.83 -45.50
CAD HEC F . 20.97 10.42 -44.12
CBD HEC F . 22.47 10.73 -44.03
CGD HEC F . 23.03 10.26 -42.71
O1D HEC F . 23.05 9.05 -42.40
O2D HEC F . 23.49 11.11 -41.91
FE HEC G . -3.26 -0.21 -25.84
CHA HEC G . -0.79 0.24 -23.49
CHB HEC G . -3.42 -3.56 -25.14
CHC HEC G . -6.32 -0.24 -27.36
CHD HEC G . -2.45 2.75 -27.32
NA HEC G . -2.27 -1.48 -24.55
C1A HEC G . -1.31 -1.04 -23.65
C2A HEC G . -0.80 -2.20 -23.00
C3A HEC G . -1.51 -3.27 -23.46
C4A HEC G . -2.46 -2.82 -24.43
CMA HEC G . -1.28 -4.68 -22.99
CAA HEC G . 0.30 -2.26 -21.95
CBA HEC G . -0.24 -2.59 -20.54
CGA HEC G . -0.47 -1.38 -19.68
O1A HEC G . 0.01 -1.37 -18.53
O2A HEC G . -1.12 -0.40 -20.10
NB HEC G . -4.68 -1.69 -26.20
C1B HEC G . -4.51 -2.97 -25.86
C2B HEC G . -5.69 -3.66 -26.27
C3B HEC G . -6.54 -2.77 -26.89
C4B HEC G . -5.85 -1.45 -26.80
CMB HEC G . -5.95 -5.14 -26.08
CAB HEC G . -7.91 -2.95 -27.46
CBB HEC G . -8.84 -4.07 -27.08
NC HEC G . -4.27 1.06 -27.14
C1C HEC G . -5.52 0.88 -27.63
C2C HEC G . -5.73 1.91 -28.59
C3C HEC G . -4.61 2.75 -28.60
C4C HEC G . -3.69 2.20 -27.64
CMC HEC G . -6.97 2.06 -29.43
CAC HEC G . -4.35 4.01 -29.37
CBC HEC G . -5.39 4.84 -30.04
ND HEC G . -1.84 1.27 -25.46
C1D HEC G . -1.67 2.35 -26.21
C2D HEC G . -0.58 3.13 -25.60
C3D HEC G . -0.12 2.45 -24.52
C4D HEC G . -0.97 1.25 -24.45
CMD HEC G . -0.02 4.43 -26.09
CAD HEC G . 1.01 2.87 -23.60
CBD HEC G . 0.69 4.03 -22.62
CGD HEC G . -0.27 3.68 -21.51
O1D HEC G . -0.48 2.49 -21.19
O2D HEC G . -0.87 4.59 -20.89
FE HEC H . 13.66 7.19 -34.61
CHA HEC H . 15.36 10.17 -34.39
CHB HEC H . 15.78 6.04 -36.97
CHC HEC H . 12.38 4.02 -34.14
CHD HEC H . 11.06 8.54 -32.95
NA HEC H . 15.27 7.97 -35.53
C1A HEC H . 15.83 9.20 -35.27
C2A HEC H . 16.95 9.35 -36.15
C3A HEC H . 17.04 8.20 -36.89
C4A HEC H . 16.01 7.32 -36.48
CMA HEC H . 18.06 7.87 -37.96
CAA HEC H . 17.85 10.58 -36.28
CBA HEC H . 19.37 10.32 -36.20
CGA HEC H . 19.84 10.33 -34.79
O1A HEC H . 20.26 11.41 -34.29
O2A HEC H . 19.84 9.27 -34.14
NB HEC H . 14.01 5.34 -35.43
C1B HEC H . 14.90 5.10 -36.39
C2B HEC H . 14.88 3.70 -36.70
C3B HEC H . 13.92 3.11 -35.90
C4B HEC H . 13.39 4.21 -35.07
CMB HEC H . 15.74 3.02 -37.73
CAB HEC H . 13.53 1.67 -35.76
CBB HEC H . 14.39 0.50 -36.14
NC HEC H . 12.03 6.39 -33.70
C1C HEC H . 11.68 5.08 -33.59
C2C HEC H . 10.40 5.00 -32.99
C3C HEC H . 10.01 6.30 -32.67
C4C HEC H . 11.07 7.17 -33.10
CMC HEC H . 9.66 3.71 -32.76
CAC HEC H . 8.78 6.76 -31.95
CBC HEC H . 8.00 5.84 -31.05
ND HEC H . 13.30 9.05 -33.78
C1D HEC H . 12.15 9.37 -33.19
C2D HEC H . 12.24 10.77 -32.73
C3D HEC H . 13.46 11.22 -33.12
C4D HEC H . 14.12 10.09 -33.79
CMD HEC H . 11.19 11.54 -32.00
CAD HEC H . 13.98 12.62 -32.86
CBD HEC H . 14.21 12.92 -31.37
CGD HEC H . 15.09 11.90 -30.70
O1D HEC H . 16.19 11.62 -31.20
O2D HEC H . 14.71 11.34 -29.66
FE HEC I . 4.78 4.98 -26.86
CHA HEC I . 4.88 2.74 -24.30
CHB HEC I . 6.64 7.17 -25.01
CHC HEC I . 5.07 7.02 -29.59
CHD HEC I . 2.58 3.03 -28.56
NA HEC I . 5.61 4.97 -24.97
C1A HEC I . 5.55 3.93 -24.10
C2A HEC I . 6.24 4.32 -22.92
C3A HEC I . 6.73 5.58 -23.12
C4A HEC I . 6.33 5.98 -24.41
CMA HEC I . 7.54 6.43 -22.17
CAA HEC I . 6.42 3.48 -21.67
CBA HEC I . 7.69 2.66 -21.82
CGA HEC I . 7.84 1.64 -20.73
O1A HEC I . 6.92 0.83 -20.48
O2A HEC I . 8.91 1.58 -20.06
NB HEC I . 5.70 6.79 -27.24
C1B HEC I . 6.38 7.51 -26.34
C2B HEC I . 6.87 8.70 -26.95
C3B HEC I . 6.45 8.69 -28.26
C4B HEC I . 5.70 7.42 -28.41
CMB HEC I . 7.68 9.77 -26.26
CAB HEC I . 6.74 9.65 -29.37
CBB HEC I . 7.95 10.53 -29.40
NC HEC I . 3.96 5.04 -28.74
C1C HEC I . 4.23 5.93 -29.72
C2C HEC I . 3.49 5.59 -30.88
C3C HEC I . 2.76 4.45 -30.60
C4C HEC I . 3.08 4.11 -29.24
CMC HEC I . 3.53 6.34 -32.18
CAC HEC I . 1.82 3.70 -31.51
CBC HEC I . 1.75 3.77 -33.02
ND HEC I . 3.89 3.23 -26.51
C1D HEC I . 3.03 2.61 -27.31
C2D HEC I . 2.59 1.36 -26.68
C3D HEC I . 3.24 1.27 -25.52
C4D HEC I . 4.08 2.47 -25.42
CMD HEC I . 1.62 0.32 -27.22
CAD HEC I . 3.09 0.16 -24.51
CBD HEC I . 4.17 -0.90 -24.65
CGD HEC I . 5.31 -0.51 -23.75
O1D HEC I . 5.17 -0.54 -22.49
O2D HEC I . 6.35 -0.09 -24.29
FE HEC J . 11.59 31.09 -18.79
CHA HEC J . 8.56 30.60 -17.24
CHB HEC J . 10.42 34.11 -20.08
CHC HEC J . 14.72 31.81 -19.98
CHD HEC J . 12.68 28.04 -17.58
NA HEC J . 9.81 32.13 -18.75
C1A HEC J . 8.72 31.76 -17.99
C2A HEC J . 7.74 32.79 -18.10
C3A HEC J . 8.27 33.77 -18.90
C4A HEC J . 9.55 33.36 -19.29
CMA HEC J . 7.60 35.07 -19.30
CAA HEC J . 6.37 32.82 -17.46
CBA HEC J . 6.43 33.48 -16.08
CGA HEC J . 5.41 32.85 -15.14
O1A HEC J . 4.21 32.68 -15.51
O2A HEC J . 5.75 32.50 -13.99
NB HEC J . 12.44 32.69 -19.90
C1B HEC J . 11.78 33.80 -20.28
C2B HEC J . 12.69 34.67 -20.94
C3B HEC J . 13.92 34.05 -20.95
C4B HEC J . 13.73 32.77 -20.22
CMB HEC J . 12.33 36.02 -21.56
CAB HEC J . 15.22 34.53 -21.46
CBB HEC J . 15.54 35.98 -21.73
NC HEC J . 13.38 30.10 -18.82
C1C HEC J . 14.55 30.57 -19.33
C2C HEC J . 15.54 29.60 -19.13
C3C HEC J . 14.98 28.52 -18.46
C4C HEC J . 13.60 28.87 -18.24
CMC HEC J . 16.98 29.76 -19.58
CAC HEC J . 15.63 27.26 -17.97
CBC HEC J . 17.08 27.15 -17.63
ND HEC J . 10.75 29.54 -17.64
C1D HEC J . 11.37 28.44 -17.24
C2D HEC J . 10.45 27.68 -16.38
C3D HEC J . 9.30 28.40 -16.29
C4D HEC J . 9.53 29.61 -17.08
CMD HEC J . 10.70 26.35 -15.74
CAD HEC J . 8.03 28.07 -15.51
CBD HEC J . 8.24 28.23 -14.00
CGD HEC J . 7.18 29.04 -13.29
O1D HEC J . 7.51 30.01 -12.58
O2D HEC J . 5.97 28.74 -13.38
FE HEC K . 6.05 11.31 -20.04
CHA HEC K . 6.25 8.65 -17.83
CHB HEC K . 4.37 9.36 -22.30
CHC HEC K . 5.48 14.10 -22.01
CHD HEC K . 8.14 13.15 -18.06
NA HEC K . 5.43 9.36 -20.07
C1A HEC K . 5.59 8.47 -19.04
C2A HEC K . 5.01 7.24 -19.48
C3A HEC K . 4.48 7.43 -20.72
C4A HEC K . 4.75 8.77 -21.10
CMA HEC K . 3.75 6.43 -21.58
CAA HEC K . 4.97 5.96 -18.67
CBA HEC K . 3.73 5.95 -17.77
CGA HEC K . 4.10 5.57 -16.37
O1A HEC K . 4.94 4.67 -16.16
O2A HEC K . 3.57 6.20 -15.42
NB HEC K . 5.09 11.66 -21.83
C1B HEC K . 4.51 10.73 -22.58
C2B HEC K . 3.95 11.34 -23.75
C3B HEC K . 4.26 12.68 -23.72
C4B HEC K . 4.98 12.86 -22.42
CMB HEC K . 3.22 10.62 -24.84
CAB HEC K . 3.83 13.81 -24.60
CBB HEC K . 2.43 13.80 -25.15
NC HEC K . 6.68 13.30 -20.04
C1C HEC K . 6.34 14.27 -20.93
C2C HEC K . 7.11 15.42 -20.67
C3C HEC K . 7.89 15.15 -19.56
C4C HEC K . 7.57 13.81 -19.13
CMC HEC K . 7.06 16.69 -21.48
CAC HEC K . 8.85 16.07 -18.88
CBC HEC K . 8.81 17.55 -18.98
ND HEC K . 7.04 10.96 -18.25
C1D HEC K . 7.83 11.84 -17.64
C2D HEC K . 8.31 11.22 -16.39
C3D HEC K . 7.79 9.98 -16.33
C4D HEC K . 6.97 9.82 -17.53
CMD HEC K . 9.24 11.83 -15.37
CAD HEC K . 8.00 8.95 -15.23
CBD HEC K . 6.82 9.05 -14.25
CGD HEC K . 6.94 8.15 -13.03
O1D HEC K . 7.26 6.96 -13.16
O2D HEC K . 6.70 8.58 -11.88
FE HEC L . 8.07 22.46 -16.30
CHA HEC L . 5.84 25.10 -16.39
CHB HEC L . 6.35 21.13 -13.64
CHC HEC L . 10.02 19.65 -16.49
CHD HEC L . 10.05 23.99 -18.63
NA HEC L . 6.38 23.00 -15.22
C1A HEC L . 5.63 24.14 -15.44
C2A HEC L . 4.64 24.19 -14.41
C3A HEC L . 4.80 23.08 -13.64
C4A HEC L . 5.87 22.33 -14.16
CMA HEC L . 3.98 22.68 -12.45
CAA HEC L . 3.60 25.27 -14.17
CBA HEC L . 2.14 24.81 -14.32
CGA HEC L . 1.77 24.62 -15.75
O1A HEC L . 1.84 25.58 -16.53
O2A HEC L . 1.40 23.50 -16.17
NB HEC L . 8.17 20.71 -15.26
C1B HEC L . 7.40 20.39 -14.20
C2B HEC L . 7.76 19.08 -13.72
C3B HEC L . 8.81 18.64 -14.49
C4B HEC L . 9.03 19.71 -15.51
CMB HEC L . 7.12 18.37 -12.57
CAB HEC L . 9.45 17.31 -14.52
CBB HEC L . 8.56 16.11 -14.36
NC HEC L . 9.77 21.90 -17.34
C1C HEC L . 10.38 20.69 -17.32
C2C HEC L . 11.48 20.69 -18.23
C3C HEC L . 11.51 21.94 -18.84
C4C HEC L . 10.40 22.69 -18.27
CMC HEC L . 12.40 19.55 -18.51
CAC HEC L . 12.44 22.41 -19.90
CBC HEC L . 13.27 21.57 -20.84
ND HEC L . 7.98 24.23 -17.33
C1D HEC L . 8.87 24.64 -18.21
C2D HEC L . 8.42 25.95 -18.72
C3D HEC L . 7.26 26.25 -18.11
C4D HEC L . 6.97 25.13 -17.22
CMD HEC L . 9.10 26.84 -19.74
CAD HEC L . 6.42 27.49 -18.30
CBD HEC L . 5.36 27.19 -19.37
CGD HEC L . 4.56 28.40 -19.78
O1D HEC L . 4.45 29.41 -19.03
O2D HEC L . 3.99 28.41 -20.90
FE HEC M . 6.12 21.84 -6.50
CHA HEC M . 3.93 24.43 -6.43
CHB HEC M . 7.43 22.93 -9.47
CHC HEC M . 8.77 19.79 -5.98
CHD HEC M . 4.36 20.24 -4.03
NA HEC M . 5.75 23.39 -7.76
C1A HEC M . 4.81 24.36 -7.51
C2A HEC M . 4.79 25.22 -8.64
C3A HEC M . 5.75 24.79 -9.52
C4A HEC M . 6.37 23.67 -8.94
CMA HEC M . 6.09 25.44 -10.84
CAA HEC M . 3.86 26.39 -8.89
CBA HEC M . 2.71 25.78 -9.70
CGA HEC M . 1.60 26.74 -10.08
O1A HEC M . 1.45 27.82 -9.49
O2A HEC M . 0.82 26.42 -11.01
NB HEC M . 7.81 21.42 -7.55
C1B HEC M . 8.14 21.96 -8.74
C2B HEC M . 9.42 21.42 -9.12
C3B HEC M . 9.80 20.52 -8.14
C4B HEC M . 8.75 20.59 -7.12
CMB HEC M . 10.17 21.73 -10.39
CAB HEC M . 11.07 19.78 -7.96
CBB HEC M . 12.36 20.45 -8.34
NC HEC M . 6.52 20.26 -5.24
C1C HEC M . 7.67 19.56 -5.15
C2C HEC M . 7.50 18.49 -4.24
C3C HEC M . 6.21 18.60 -3.70
C4C HEC M . 5.62 19.75 -4.33
CMC HEC M . 8.55 17.44 -3.93
CAC HEC M . 5.57 17.74 -2.66
CBC HEC M . 6.31 16.91 -1.66
ND HEC M . 4.40 22.26 -5.40
C1D HEC M . 3.88 21.48 -4.47
C2D HEC M . 2.71 22.16 -3.92
C3D HEC M . 2.60 23.33 -4.59
C4D HEC M . 3.72 23.38 -5.52
CMD HEC M . 1.78 21.65 -2.85
CAD HEC M . 1.56 24.39 -4.38
CBD HEC M . 0.43 24.26 -5.40
CGD HEC M . -0.75 25.14 -5.05
O1D HEC M . -1.68 25.20 -5.88
O2D HEC M . -0.78 25.80 -3.97
FE HEC N . 5.82 14.00 2.83
CHA HEC N . 7.90 14.21 5.52
CHB HEC N . 3.71 16.29 4.23
CHC HEC N . 4.19 14.27 -0.20
CHD HEC N . 7.45 11.19 1.76
NA HEC N . 5.78 15.04 4.54
C1A HEC N . 6.79 15.02 5.49
C2A HEC N . 6.42 15.91 6.52
C3A HEC N . 5.24 16.48 6.17
C4A HEC N . 4.85 15.94 4.94
CMA HEC N . 4.47 17.52 6.95
CAA HEC N . 7.23 16.23 7.77
CBA HEC N . 8.36 17.20 7.31
CGA HEC N . 8.70 18.33 8.29
O1A HEC N . 9.14 18.08 9.43
O2A HEC N . 8.59 19.52 7.94
NB HEC N . 4.20 15.10 2.14
C1B HEC N . 3.50 15.96 2.89
C2B HEC N . 2.47 16.54 2.10
C3B HEC N . 2.56 15.99 0.84
C4B HEC N . 3.73 15.06 0.88
CMB HEC N . 1.47 17.57 2.60
CAB HEC N . 1.80 16.35 -0.38
CBB HEC N . 1.26 17.76 -0.58
NC HEC N . 5.82 12.92 1.07
C1C HEC N . 5.12 13.22 -0.08
C2C HEC N . 5.42 12.21 -1.03
C3C HEC N . 6.34 11.32 -0.48
C4C HEC N . 6.59 11.80 0.86
CMC HEC N . 4.86 12.13 -2.42
CAC HEC N . 6.98 10.12 -1.09
CBC HEC N . 7.07 9.78 -2.54
ND HEC N . 7.40 12.91 3.51
C1D HEC N . 7.85 11.79 2.96
C2D HEC N . 8.98 11.27 3.73
C3D HEC N . 9.13 12.13 4.76
C4D HEC N . 8.09 13.17 4.62
CMD HEC N . 9.79 10.04 3.43
CAD HEC N . 10.15 11.98 5.86
CBD HEC N . 9.69 10.78 6.73
CGD HEC N . 8.22 10.85 7.04
O1D HEC N . 7.81 11.71 7.87
O2D HEC N . 7.38 10.11 6.46
FE HEC O . -25.68 -21.45 33.08
CHA HEC O . -23.95 -20.19 35.78
CHB HEC O . -22.86 -21.32 31.16
CHC HEC O . -27.36 -23.04 30.53
CHD HEC O . -28.61 -21.19 34.88
NA HEC O . -23.78 -20.86 33.39
C1A HEC O . -23.28 -20.42 34.60
C2A HEC O . -21.88 -20.16 34.39
C3A HEC O . -21.58 -20.48 33.09
C4A HEC O . -22.77 -20.90 32.47
CMA HEC O . -20.25 -20.40 32.37
CAA HEC O . -20.90 -19.64 35.42
CBA HEC O . -20.18 -20.79 36.13
CGA HEC O . -21.14 -21.60 36.96
O1A HEC O . -21.52 -21.15 38.06
O2A HEC O . -21.56 -22.71 36.53
NB HEC O . -25.19 -22.08 31.16
C1B HEC O . -24.00 -21.91 30.58
C2B HEC O . -24.02 -22.48 29.28
C3B HEC O . -25.29 -22.96 29.05
C4B HEC O . -26.03 -22.70 30.32
CMB HEC O . -22.86 -22.49 28.30
CAB HEC O . -25.83 -23.70 27.88
CBB HEC O . -25.01 -24.42 26.84
NC HEC O . -27.64 -22.03 32.74
C1C HEC O . -28.12 -22.70 31.65
C2C HEC O . -29.51 -22.87 31.79
C3C HEC O . -29.87 -22.33 33.03
C4C HEC O . -28.67 -21.82 33.64
CMC HEC O . -30.42 -23.54 30.79
CAC HEC O . -31.22 -22.26 33.67
CBC HEC O . -32.25 -23.33 33.45
ND HEC O . -26.21 -20.80 35.04
C1D HEC O . -27.43 -20.77 35.52
C2D HEC O . -27.38 -20.25 36.91
C3D HEC O . -26.07 -19.99 37.16
C4D HEC O . -25.33 -20.35 35.94
CMD HEC O . -28.51 -20.04 37.89
CAD HEC O . -25.52 -19.42 38.44
CBD HEC O . -25.42 -17.90 38.31
CGD HEC O . -25.53 -17.24 39.66
O1D HEC O . -26.29 -16.26 39.81
O2D HEC O . -24.85 -17.67 40.63
FE HEC P . -8.89 -21.91 10.87
CHA HEC P . -9.24 -18.53 11.23
CHB HEC P . -10.48 -21.84 7.84
CHC HEC P . -7.69 -25.09 10.29
CHD HEC P . -8.18 -22.17 14.19
NA HEC P . -9.73 -20.46 9.74
C1A HEC P . -9.72 -19.12 10.07
C2A HEC P . -10.44 -18.41 9.10
C3A HEC P . -10.82 -19.33 8.15
C4A HEC P . -10.35 -20.62 8.53
CMA HEC P . -11.60 -18.99 6.91
CAA HEC P . -10.74 -16.92 9.10
CBA HEC P . -9.49 -16.04 9.10
CGA HEC P . -9.17 -15.53 7.73
O1A HEC P . -9.40 -14.35 7.43
O2A HEC P . -8.66 -16.32 6.89
NB HEC P . -9.06 -23.28 9.29
C1B HEC P . -9.77 -23.04 8.18
C2B HEC P . -9.64 -24.19 7.33
C3B HEC P . -8.86 -25.13 7.99
C4B HEC P . -8.46 -24.48 9.27
CMB HEC P . -10.28 -24.37 5.98
CAB HEC P . -8.36 -26.48 7.54
CBB HEC P . -8.03 -26.80 6.13
NC HEC P . -8.08 -23.40 12.04
C1C HEC P . -7.60 -24.62 11.61
C2C HEC P . -7.17 -25.32 12.76
C3C HEC P . -7.35 -24.50 13.88
C4C HEC P . -7.90 -23.27 13.40
CMC HEC P . -6.62 -26.73 12.76
CAC HEC P . -6.98 -24.72 15.31
CBC HEC P . -5.66 -25.28 15.83
ND HEC P . -8.73 -20.57 12.46
C1D HEC P . -8.46 -20.88 13.71
C2D HEC P . -8.43 -19.64 14.49
C3D HEC P . -8.71 -18.60 13.66
C4D HEC P . -8.89 -19.25 12.36
CMD HEC P . -8.17 -19.48 15.95
CAD HEC P . -8.81 -17.12 14.01
CBD HEC P . -7.47 -16.39 14.21
CGD HEC P . -6.66 -16.12 12.96
O1D HEC P . -5.42 -15.95 13.02
O2D HEC P . -7.18 -16.05 11.84
FE HEC Q . -18.84 -17.25 28.22
CHA HEC Q . -17.94 -15.63 31.09
CHB HEC Q . -21.92 -17.89 29.49
CHC HEC Q . -19.91 -18.06 25.08
CHD HEC Q . -15.61 -17.44 27.24
NA HEC Q . -19.77 -16.85 29.99
C1A HEC Q . -19.23 -16.13 31.03
C2A HEC Q . -20.19 -16.13 32.08
C3A HEC Q . -21.31 -16.79 31.63
C4A HEC Q . -21.04 -17.21 30.31
CMA HEC Q . -22.60 -17.03 32.38
CAA HEC Q . -20.02 -15.50 33.45
CBA HEC Q . -21.14 -14.55 33.87
CGA HEC Q . -20.87 -13.16 33.40
O1A HEC Q . -21.39 -12.78 32.33
O2A HEC Q . -20.15 -12.41 34.09
NB HEC Q . -20.63 -17.88 27.41
C1B HEC Q . -21.73 -18.10 28.11
C2B HEC Q . -22.76 -18.51 27.22
C3B HEC Q . -22.24 -18.57 25.96
C4B HEC Q . -20.83 -18.12 26.12
CMB HEC Q . -24.19 -18.85 27.62
CAB HEC Q . -22.88 -18.88 24.66
CBB HEC Q . -24.36 -18.83 24.41
NC HEC Q . -17.94 -17.67 26.46
C1C HEC Q . -18.54 -17.95 25.27
C2C HEC Q . -17.54 -18.30 24.33
C3C HEC Q . -16.30 -18.14 24.96
C4C HEC Q . -16.58 -17.72 26.30
CMC HEC Q . -17.82 -18.71 22.90
CAC HEC Q . -14.93 -18.30 24.38
CBC HEC Q . -14.45 -17.75 23.27
ND HEC Q . -17.08 -16.62 29.02
C1D HEC Q . -15.89 -16.84 28.48
C2D HEC Q . -14.86 -16.25 29.36
C3D HEC Q . -15.53 -15.73 30.40
C4D HEC Q . -16.95 -15.98 30.17
CMD HEC Q . -13.37 -16.23 29.13
CAD HEC Q . -14.89 -15.03 31.57
CBD HEC Q . -14.37 -13.64 31.19
CGD HEC Q . -15.41 -12.78 30.51
O1D HEC Q . -15.14 -12.27 29.39
O2D HEC Q . -16.50 -12.56 31.06
FE HEC R . -11.28 -16.99 18.86
CHA HEC R . -11.76 -15.28 15.97
CHB HEC R . -10.30 -14.12 20.44
CHC HEC R . -11.34 -18.65 21.87
CHD HEC R . -11.72 -19.95 17.22
NA HEC R . -11.05 -15.06 18.32
C1A HEC R . -11.35 -14.56 17.08
C2A HEC R . -11.07 -13.17 17.10
C3A HEC R . -10.66 -12.85 18.35
C4A HEC R . -10.65 -14.04 19.11
CMA HEC R . -10.27 -11.49 18.87
CAA HEC R . -11.25 -12.21 15.94
CBA HEC R . -12.63 -11.57 16.05
CGA HEC R . -12.94 -10.67 14.87
O1A HEC R . -13.27 -9.49 15.08
O2A HEC R . -12.88 -11.11 13.70
NB HEC R . -10.87 -16.47 20.84
C1B HEC R . -10.49 -15.26 21.24
C2B HEC R . -10.31 -15.27 22.66
C3B HEC R . -10.60 -16.54 23.10
C4B HEC R . -10.98 -17.29 21.88
CMB HEC R . -9.88 -14.08 23.51
CAB HEC R . -10.65 -17.11 24.48
CBB HEC R . -10.92 -16.26 25.68
NC HEC R . -11.48 -18.97 19.44
C1C HEC R . -11.53 -19.42 20.72
C2C HEC R . -11.73 -20.81 20.70
C3C HEC R . -11.82 -21.21 19.37
C4C HEC R . -11.67 -20.02 18.59
CMC HEC R . -11.85 -21.69 21.90
CAC HEC R . -12.09 -22.58 18.83
CBC HEC R . -12.61 -23.78 19.57
ND HEC R . -11.66 -17.53 16.94
C1D HEC R . -11.79 -18.76 16.49
C2D HEC R . -12.07 -18.73 15.04
C3D HEC R . -12.10 -17.44 14.69
C4D HEC R . -11.84 -16.67 15.93
CMD HEC R . -12.29 -19.90 14.11
CAD HEC R . -12.32 -16.89 13.31
CBD HEC R . -13.75 -16.40 13.08
CGD HEC R . -13.86 -14.94 13.40
O1D HEC R . -13.26 -14.05 12.75
O2D HEC R . -14.54 -14.61 14.40
FE HEC S . 4.25 -3.36 37.85
CHA HEC S . 6.62 -3.97 35.40
CHB HEC S . 6.32 -4.81 40.24
CHC HEC S . 2.15 -2.23 40.36
CHD HEC S . 2.04 -2.16 35.44
NA HEC S . 6.11 -4.30 37.82
C1A HEC S . 6.93 -4.37 36.71
C2A HEC S . 8.17 -4.97 37.14
C3A HEC S . 8.06 -5.19 38.50
C4A HEC S . 6.77 -4.77 38.92
CMA HEC S . 9.07 -5.79 39.46
CAA HEC S . 9.44 -5.28 36.36
CBA HEC S . 9.30 -6.09 35.05
CGA HEC S . 10.06 -5.42 33.92
O1A HEC S . 11.27 -5.10 34.08
O2A HEC S . 9.50 -5.17 32.83
NB HEC S . 4.22 -3.53 39.97
C1B HEC S . 5.17 -4.13 40.69
C2B HEC S . 4.84 -3.99 42.08
C3B HEC S . 3.65 -3.27 42.16
C4B HEC S . 3.30 -2.95 40.75
CMB HEC S . 5.63 -4.56 43.24
CAB HEC S . 2.88 -2.77 43.33
CBB HEC S . 2.56 -1.87 44.16
NC HEC S . 2.39 -2.39 37.91
C1C HEC S . 1.73 -1.98 39.04
C2C HEC S . 0.51 -1.37 38.66
C3C HEC S . 0.46 -1.36 37.27
C4C HEC S . 1.67 -1.98 36.79
CMC HEC S . -0.54 -0.83 39.62
CAC HEC S . -0.60 -0.78 36.38
CBC HEC S . -1.63 0.24 36.80
ND HEC S . 4.29 -3.13 35.72
C1D HEC S . 3.31 -2.61 35.00
C2D HEC S . 3.79 -2.58 33.60
C3D HEC S . 5.05 -3.09 33.59
C4D HEC S . 5.37 -3.41 34.98
CMD HEC S . 3.00 -2.10 32.39
CAD HEC S . 5.98 -3.26 32.41
CBD HEC S . 6.87 -2.02 32.40
CGD HEC S . 8.01 -2.07 31.43
O1D HEC S . 8.44 -3.12 30.90
O2D HEC S . 8.56 -0.99 31.16
FE HEC T . -5.36 -10.19 20.93
CHA HEC T . -6.20 -8.68 17.98
CHB HEC T . -6.42 -13.23 19.80
CHC HEC T . -4.03 -11.75 23.70
CHD HEC T . -4.75 -7.17 22.32
NA HEC T . -6.18 -10.82 19.25
C1A HEC T . -6.41 -10.06 18.13
C2A HEC T . -6.96 -10.92 17.14
C3A HEC T . -7.02 -12.19 17.64
C4A HEC T . -6.53 -12.13 18.95
CMA HEC T . -7.51 -13.45 16.97
CAA HEC T . -7.39 -10.52 15.74
CBA HEC T . -6.21 -10.70 14.77
CGA HEC T . -6.05 -9.47 13.93
O1A HEC T . -7.01 -9.04 13.26
O2A HEC T . -4.95 -8.87 13.92
NB HEC T . -5.25 -12.18 21.63
C1B HEC T . -5.76 -13.22 21.02
C2B HEC T . -5.47 -14.40 21.77
C3B HEC T . -4.82 -14.00 22.89
C4B HEC T . -4.65 -12.55 22.75
CMB HEC T . -5.88 -15.82 21.41
CAB HEC T . -4.16 -14.83 23.94
CBB HEC T . -3.12 -15.88 23.19
NC HEC T . -4.53 -9.58 22.68
C1C HEC T . -4.05 -10.36 23.69
C2C HEC T . -3.70 -9.54 24.79
C3C HEC T . -3.93 -8.21 24.41
C4C HEC T . -4.41 -8.26 23.05
CMC HEC T . -3.18 -10.02 26.13
CAC HEC T . -3.66 -6.98 25.19
CBC HEC T . -2.61 -6.88 26.23
ND HEC T . -5.45 -8.24 20.27
C1D HEC T . -5.18 -7.19 20.99
C2D HEC T . -5.35 -5.98 20.18
C3D HEC T . -5.75 -6.40 18.97
C4D HEC T . -5.81 -7.87 19.04
CMD HEC T . -5.14 -4.54 20.58
CAD HEC T . -6.05 -5.55 17.77
CBD HEC T . -4.83 -5.50 16.84
CGD HEC T . -5.07 -4.52 15.71
O1D HEC T . -6.20 -4.41 15.21
O2D HEC T . -4.18 -3.79 15.26
FE HEC U . 1.95 -4.66 28.55
CHA HEC U . 5.07 -5.76 29.57
CHB HEC U . 3.27 -3.77 25.49
CHC HEC U . -1.22 -4.00 27.35
CHD HEC U . 0.74 -5.08 31.73
NA HEC U . 3.81 -4.76 27.68
C1A HEC U . 4.95 -5.25 28.29
C2A HEC U . 6.04 -5.05 27.41
C3A HEC U . 5.52 -4.47 26.28
C4A HEC U . 4.13 -4.32 26.43
CMA HEC U . 6.32 -4.07 25.05
CAA HEC U . 7.50 -5.35 27.64
CBA HEC U . 8.08 -6.42 26.71
CGA HEC U . 7.72 -7.79 27.20
O1A HEC U . 7.96 -8.13 28.37
O2A HEC U . 7.18 -8.61 26.42
NB HEC U . 1.14 -3.98 26.69
C1B HEC U . 1.87 -3.67 25.62
C2B HEC U . 0.99 -3.25 24.56
C3B HEC U . -0.29 -3.29 25.06
C4B HEC U . -0.15 -3.80 26.47
CMB HEC U . 1.43 -2.81 23.19
CAB HEC U . -1.60 -3.07 24.39
CBB HEC U . -2.12 -3.79 23.37
NC HEC U . 0.09 -4.54 29.39
C1C HEC U . -1.09 -4.32 28.71
C2C HEC U . -2.15 -4.35 29.65
C3C HEC U . -1.61 -4.63 30.90
C4C HEC U . -0.18 -4.76 30.73
CMC HEC U . -3.61 -4.14 29.33
CAC HEC U . -2.37 -4.79 32.19
CBC HEC U . -3.68 -5.36 32.33
ND HEC U . 2.77 -5.31 30.36
C1D HEC U . 2.10 -5.39 31.52
C2D HEC U . 3.05 -5.90 32.53
C3D HEC U . 4.24 -6.08 31.91
C4D HEC U . 4.04 -5.71 30.51
CMD HEC U . 2.80 -6.17 34.00
CAD HEC U . 5.51 -6.61 32.54
CBD HEC U . 5.45 -8.12 32.44
CGD HEC U . 6.66 -8.81 33.03
O1D HEC U . 7.77 -8.23 33.11
O2D HEC U . 6.55 -9.99 33.43
FE HEC V . 6.77 1.81 22.57
CHA HEC V . 9.86 0.94 23.57
CHB HEC V . 5.34 0.34 25.30
CHC HEC V . 3.96 3.66 21.96
CHD HEC V . 7.87 2.39 19.37
NA HEC V . 7.45 0.81 24.14
C1A HEC V . 8.79 0.60 24.38
C2A HEC V . 8.85 -0.18 25.56
C3A HEC V . 7.60 -0.37 26.04
C4A HEC V . 6.72 0.26 25.15
CMA HEC V . 7.21 -1.11 27.30
CAA HEC V . 10.12 -0.68 26.18
CBA HEC V . 10.64 -1.82 25.31
CGA HEC V . 11.31 -2.84 26.16
O1A HEC V . 12.11 -2.50 27.08
O2A HEC V . 11.06 -4.04 25.97
NB HEC V . 4.96 1.96 23.49
C1B HEC V . 4.57 1.27 24.57
C2B HEC V . 3.24 1.68 24.93
C3B HEC V . 2.85 2.62 23.99
C4B HEC V . 4.00 2.80 23.08
CMB HEC V . 2.43 1.13 26.08
CAB HEC V . 1.65 3.46 23.94
CBB HEC V . 1.09 3.98 25.24
NC HEC V . 6.00 2.87 20.92
C1C HEC V . 4.85 3.58 20.88
C2C HEC V . 4.65 4.03 19.56
C3C HEC V . 5.76 3.65 18.79
C4C HEC V . 6.63 2.93 19.69
CMC HEC V . 3.46 4.83 19.08
CAC HEC V . 6.09 3.95 17.35
CBC HEC V . 5.54 5.11 16.56
ND HEC V . 8.58 1.67 21.63
C1D HEC V . 8.79 1.94 20.34
C2D HEC V . 10.21 1.75 20.07
C3D HEC V . 10.78 1.37 21.24
C4D HEC V . 9.71 1.35 22.24
CMD HEC V . 10.93 1.93 18.76
CAD HEC V . 12.23 1.06 21.46
CBD HEC V . 12.50 -0.45 21.39
CGD HEC V . 13.98 -0.70 21.37
O1D HEC V . 14.37 -1.89 21.35
O2D HEC V . 14.82 0.24 21.38
FE HEC W . 5.60 7.89 11.99
CHA HEC W . 5.37 11.27 11.82
CHB HEC W . 9.01 8.09 12.02
CHC HEC W . 5.72 4.64 12.99
CHD HEC W . 2.33 7.58 11.13
NA HEC W . 6.95 9.39 11.91
C1A HEC W . 6.62 10.72 11.92
C2A HEC W . 7.83 11.47 11.91
C3A HEC W . 8.85 10.57 11.96
C4A HEC W . 8.30 9.27 11.96
CMA HEC W . 10.32 10.90 12.00
CAA HEC W . 8.00 12.96 11.96
CBA HEC W . 8.12 13.19 13.48
CGA HEC W . 8.61 14.55 13.96
O1A HEC W . 8.54 15.56 13.23
O2A HEC W . 9.09 14.65 15.11
NB HEC W . 7.12 6.57 12.43
C1B HEC W . 8.43 6.86 12.36
C2B HEC W . 9.17 5.71 12.76
C3B HEC W . 8.29 4.69 13.03
C4B HEC W . 6.94 5.32 12.84
CMB HEC W . 10.68 5.62 12.82
CAB HEC W . 8.54 3.32 13.57
CBB HEC W . 9.69 3.03 14.47
NC HEC W . 4.27 6.37 12.05
C1C HEC W . 4.48 5.12 12.54
C2C HEC W . 3.29 4.36 12.37
C3C HEC W . 2.32 5.19 11.82
C4C HEC W . 2.96 6.46 11.66
CMC HEC W . 3.08 2.92 12.75
CAC HEC W . 0.89 4.89 11.48
CBC HEC W . 0.04 3.73 11.96
ND HEC W . 4.11 9.18 11.56
C1D HEC W . 2.88 8.84 11.19
C2D HEC W . 2.10 10.06 10.95
C3D HEC W . 2.92 11.09 11.16
C4D HEC W . 4.22 10.52 11.55
CMD HEC W . 0.65 10.13 10.53
CAD HEC W . 2.54 12.54 10.97
CBD HEC W . 2.38 12.83 9.47
CGD HEC W . 3.53 12.25 8.70
O1D HEC W . 4.63 12.85 8.81
O2D HEC W . 3.48 11.20 8.01
#